data_7PHU
#
_entry.id   7PHU
#
_cell.length_a   97.740
_cell.length_b   163.300
_cell.length_c   176.820
_cell.angle_alpha   90.000
_cell.angle_beta   90.000
_cell.angle_gamma   90.000
#
_symmetry.space_group_name_H-M   'C 2 2 21'
#
loop_
_entity.id
_entity.type
_entity.pdbx_description
1 polymer 'Reticulocyte-binding protein homolog 5'
2 polymer 'Monoclonal antibody R5.015 heavy chain'
3 polymer 'Monoclonal antibody R5.015 light chain'
4 polymer 'Monoclonal antibody R5.016 heavy chain'
5 polymer 'Monoclonal antibody R5.016 light chain'
6 water water
#
loop_
_entity_poly.entity_id
_entity_poly.type
_entity_poly.pdbx_seq_one_letter_code
_entity_poly.pdbx_strand_id
1 'polypeptide(L)'
;ENAIKKTKNQENQLTLLPIKSTEEEKDDIKNGKDIKKEIDNDKENIKTNNAKDHSTYIKSYLNTNVNDGLKYLFIPSHNS
FIKKYSVFNQINDGMLLNEKNDVKNNEDYKNVDYKNVNFLQYHFKELSNYNIANSIDILQEKEGHLDFVIIPHYTFLDYY
KHLSYNSIYHKSSTYGKYIAVDAFIKKINEAYDKVKSKCNDIKNDLIATIKKLEHPYDINNKNDDSYRYDISEEIDDKSE
ETDDETEEVEDSIQDTDSNHTPSNKKKNDLMNRTFKKMMDEYNTKKKKLIKCIKNHENDFNKICMDMKNYGTNLFEQLSC
YNNNFCNTNGIRYHYDEYIHKLILSVKSKNLNKDLSDMTNILQQSELLLTNLNKKMGSYIYIDTIKFIHKEMKHIFNRIE
YHTKIINDKTKIIQDKIKLNIWRTFQKDELLKRILDMSNEYSLFITSDHLRQMLYNTFYSKEKHLNNIFHHLIYVLQMKF
NDVPIKMEYFQTYKKNKPLTQ
;
A
2 'polypeptide(L)'
;VHSEVQLVQSGAEVKKPGASVKVSCKASGYTFTDYYIHWVRQAPGQGLEWMGWINPNSGGTNYAQKFQGWVTMTRDTSIS
TTYMELSRLRSDDMAVYYCARDLWFGESPPYYGVDVWGQGTTVTVSSASTKGPSVFPLAPSSKSTSGGTAALGCLVKDYF
PEPVTVSWNSGALTSGVHTFPAVLQSSGLYSLSSVVTVPSSSLGTQTYICNVNHKPSNTKVDKKVEPKSCDKTHTC
;
B
3 'polypeptide(L)'
;SVTSYELTQPPSVSVAPGKTAKITCGGNNIGSYSVHWYQQKPGQAPVLVIYYDSDRPSGIPERFSGSNSGNTATLTISRV
EVGDEADYFCQVWDTNTDHVVFGGGTKLTVLGQPKAAPSVTLFPPSSEELQANKATLVCLISDFYPGAVTVAWKADSSPV
KAGVETTTPSKQSNNKYAASSYLSLTPEQWKSHRSYSCQVTHEGSTVEKTVAPTECS
;
C
4 'polypeptide(L)'
;TGVHSQVQLVQSGAEVKKPGASVRVSCKASGYTFTSYGISWVRQAPGQGLEWMGWISGYDGNTNYAQKLQGRVTMTTDTS
TSTAYMELRSLRSDDTAVYYCARDGPQVGDFDWQVYYYYGMDVWGQGTTVTVSSASTKGPSVFPLAPSSKSTSGGTAALG
CLVKDYFPEPVTVSWNSGALTSGVHTFPAVLQSSGLYSLSSVVTVPSSSLGTQTYICNVNHKPSNTKVDKKVEPKSCDKT
HTCPPCPAPELLGGPSVFLFPPKPKDTLMISRTPEVTCVVVDVSHEDPEVKFNWYVDGVEVHNAKTKPREEQYNSTYRVV
SVLTVLHQDWLNGKEYKCKVSNKALPAPIEKTISKAKGQPREPQVYTLPPSRDELTKNQVSLTCLVKGFYPSDIAVEWES
NGQPENNYKTTPPVLDSDGSFFLYSKLTVDKSRWQQGNVFSCSVMHEALHNHYTQKSLSLSPGK
;
D
5 'polypeptide(L)'
;TGVHCAIRMTQSPSTLSASVGDRVTITCRASQSINTWLAWYQQKPGKAPNLLISKASSLESGVPSRFSGSGSGTEFTLTI
SSLQPDDFATYFCQQYNSYLYTFGQGTKVEIRRTVAAPSVFIFPPSDEQLKSGTASVVCLLNNFYPREAKVQWKVDNALQ
SGNSQESVTEQDSKDSTYSLSSTLTLSKADYEKHKVYACEVTHQGLSSPVTKSFNRGEC
;
E
#
# COMPACT_ATOMS: atom_id res chain seq x y z
N SER A 135 12.82 -22.17 7.51
CA SER A 135 11.44 -22.16 7.03
C SER A 135 11.09 -20.89 6.21
N ILE A 136 10.03 -20.97 5.39
CA ILE A 136 9.57 -19.92 4.49
C ILE A 136 8.27 -19.25 4.97
N ASP A 137 8.23 -17.91 4.95
CA ASP A 137 7.03 -17.18 5.32
C ASP A 137 6.40 -16.56 4.08
N ILE A 138 5.07 -16.60 3.97
CA ILE A 138 4.38 -16.02 2.81
C ILE A 138 3.64 -14.79 3.29
N LEU A 139 4.01 -13.61 2.76
CA LEU A 139 3.49 -12.34 3.26
C LEU A 139 2.62 -11.54 2.28
N GLN A 140 1.77 -10.65 2.79
CA GLN A 140 0.86 -9.84 1.97
C GLN A 140 0.96 -8.36 2.37
N GLU A 141 1.87 -7.59 1.76
CA GLU A 141 2.04 -6.17 2.13
C GLU A 141 0.76 -5.34 1.89
N LYS A 142 0.19 -5.48 0.70
CA LYS A 142 -1.03 -4.82 0.24
C LYS A 142 -1.86 -5.81 -0.58
N GLU A 143 -3.12 -5.45 -0.92
CA GLU A 143 -3.99 -6.33 -1.73
C GLU A 143 -3.32 -6.61 -3.08
N GLY A 144 -3.23 -7.91 -3.42
CA GLY A 144 -2.62 -8.40 -4.66
C GLY A 144 -1.10 -8.50 -4.62
N HIS A 145 -0.53 -8.33 -3.41
CA HIS A 145 0.95 -8.32 -3.27
C HIS A 145 1.45 -9.41 -2.32
N LEU A 146 1.50 -10.66 -2.79
CA LEU A 146 2.08 -11.78 -2.03
C LEU A 146 3.56 -11.89 -2.34
N ASP A 147 4.35 -12.26 -1.33
CA ASP A 147 5.80 -12.53 -1.51
C ASP A 147 6.20 -13.60 -0.50
N PHE A 148 7.47 -14.00 -0.49
CA PHE A 148 7.97 -15.04 0.40
C PHE A 148 9.37 -14.74 0.84
N VAL A 149 9.71 -15.22 2.03
CA VAL A 149 11.06 -15.05 2.56
C VAL A 149 11.51 -16.40 3.07
N ILE A 150 12.72 -16.80 2.71
CA ILE A 150 13.36 -18.00 3.24
C ILE A 150 14.22 -17.39 4.33
N ILE A 151 13.69 -17.34 5.56
CA ILE A 151 14.31 -16.65 6.70
C ILE A 151 15.79 -16.97 6.91
N PRO A 152 16.22 -18.24 6.99
CA PRO A 152 17.66 -18.52 7.18
C PRO A 152 18.55 -17.89 6.10
N HIS A 153 18.03 -17.78 4.87
CA HIS A 153 18.81 -17.18 3.77
C HIS A 153 18.98 -15.70 4.03
N TYR A 154 17.91 -15.01 4.50
CA TYR A 154 17.90 -13.59 4.80
C TYR A 154 18.96 -13.26 5.83
N THR A 155 19.02 -14.03 6.90
CA THR A 155 19.98 -13.82 7.97
C THR A 155 21.39 -14.11 7.50
N PHE A 156 21.59 -15.23 6.74
CA PHE A 156 22.87 -15.67 6.19
C PHE A 156 23.46 -14.56 5.32
N LEU A 157 22.68 -14.06 4.33
CA LEU A 157 23.06 -12.99 3.42
C LEU A 157 23.35 -11.68 4.13
N ASP A 158 22.59 -11.36 5.17
CA ASP A 158 22.80 -10.10 5.91
C ASP A 158 24.07 -10.17 6.74
N TYR A 159 24.29 -11.30 7.38
CA TYR A 159 25.46 -11.58 8.21
C TYR A 159 26.76 -11.36 7.43
N TYR A 160 26.80 -11.81 6.17
CA TYR A 160 27.99 -11.71 5.36
C TYR A 160 28.19 -10.33 4.72
N LYS A 161 27.13 -9.48 4.72
CA LYS A 161 27.19 -8.08 4.34
C LYS A 161 27.90 -7.32 5.49
N HIS A 162 27.60 -7.68 6.76
CA HIS A 162 28.27 -7.02 7.90
C HIS A 162 29.75 -7.33 7.94
N LEU A 163 30.15 -8.60 7.63
CA LEU A 163 31.55 -9.02 7.61
C LEU A 163 32.32 -8.22 6.55
N SER A 164 31.70 -8.04 5.38
CA SER A 164 32.24 -7.35 4.23
C SER A 164 32.54 -5.90 4.56
N TYR A 165 31.59 -5.17 5.15
CA TYR A 165 31.82 -3.78 5.51
C TYR A 165 32.84 -3.66 6.63
N ASN A 166 32.79 -4.55 7.61
CA ASN A 166 33.75 -4.52 8.71
C ASN A 166 35.18 -4.79 8.23
N SER A 167 35.35 -5.56 7.15
CA SER A 167 36.70 -5.86 6.62
C SER A 167 37.29 -4.65 5.91
N ILE A 168 36.47 -3.89 5.19
CA ILE A 168 36.97 -2.73 4.45
C ILE A 168 37.07 -1.49 5.33
N TYR A 169 36.28 -1.41 6.42
CA TYR A 169 36.37 -0.26 7.32
C TYR A 169 37.47 -0.39 8.36
N HIS A 170 38.03 -1.59 8.58
CA HIS A 170 39.09 -1.77 9.55
C HIS A 170 40.31 -0.89 9.25
N LYS A 171 40.67 -0.75 7.98
CA LYS A 171 41.79 0.10 7.59
C LYS A 171 41.28 1.24 6.75
N SER A 172 41.77 2.45 7.01
CA SER A 172 41.36 3.65 6.27
C SER A 172 41.67 3.57 4.78
N SER A 173 42.73 2.83 4.41
CA SER A 173 43.15 2.67 2.99
C SER A 173 42.19 1.81 2.12
N THR A 174 41.06 1.37 2.70
CA THR A 174 40.06 0.54 2.01
C THR A 174 38.63 1.06 2.17
N TYR A 175 38.44 2.30 2.67
CA TYR A 175 37.09 2.86 2.84
C TYR A 175 36.41 3.14 1.49
N GLY A 176 37.21 3.50 0.48
CA GLY A 176 36.73 3.80 -0.86
C GLY A 176 36.08 2.62 -1.57
N LYS A 177 36.52 1.41 -1.22
CA LYS A 177 35.97 0.18 -1.78
C LYS A 177 34.51 -0.09 -1.34
N TYR A 178 33.88 0.82 -0.57
CA TYR A 178 32.51 0.65 -0.09
C TYR A 178 31.54 0.45 -1.25
N ILE A 179 31.70 1.21 -2.34
CA ILE A 179 30.78 1.14 -3.48
C ILE A 179 30.92 -0.16 -4.23
N ALA A 180 32.11 -0.81 -4.19
CA ALA A 180 32.31 -2.09 -4.85
C ALA A 180 31.59 -3.19 -4.06
N VAL A 181 31.68 -3.15 -2.71
CA VAL A 181 30.97 -4.06 -1.80
C VAL A 181 29.46 -3.90 -2.04
N ASP A 182 29.01 -2.64 -2.16
CA ASP A 182 27.63 -2.29 -2.42
C ASP A 182 27.14 -2.93 -3.72
N ALA A 183 27.87 -2.72 -4.81
CA ALA A 183 27.55 -3.26 -6.12
C ALA A 183 27.53 -4.78 -6.09
N PHE A 184 28.46 -5.41 -5.35
CA PHE A 184 28.51 -6.86 -5.26
C PHE A 184 27.26 -7.39 -4.55
N ILE A 185 26.99 -6.85 -3.35
CA ILE A 185 25.85 -7.24 -2.53
C ILE A 185 24.53 -7.05 -3.30
N LYS A 186 24.42 -5.96 -4.07
CA LYS A 186 23.22 -5.72 -4.86
C LYS A 186 23.11 -6.70 -6.05
N LYS A 187 24.26 -7.10 -6.61
CA LYS A 187 24.29 -8.08 -7.69
C LYS A 187 23.83 -9.44 -7.11
N ILE A 188 24.28 -9.80 -5.88
CA ILE A 188 23.88 -11.07 -5.26
C ILE A 188 22.36 -11.11 -4.96
N ASN A 189 21.79 -10.01 -4.48
CA ASN A 189 20.34 -9.94 -4.24
C ASN A 189 19.57 -9.92 -5.52
N GLU A 190 20.10 -9.30 -6.58
CA GLU A 190 19.46 -9.26 -7.90
C GLU A 190 19.31 -10.70 -8.43
N ALA A 191 20.38 -11.48 -8.31
CA ALA A 191 20.41 -12.88 -8.70
C ALA A 191 19.50 -13.69 -7.78
N TYR A 192 19.48 -13.41 -6.48
CA TYR A 192 18.60 -14.10 -5.54
C TYR A 192 17.13 -13.86 -5.93
N ASP A 193 16.80 -12.62 -6.28
CA ASP A 193 15.46 -12.26 -6.69
C ASP A 193 15.07 -12.83 -8.01
N LYS A 194 16.03 -13.03 -8.93
CA LYS A 194 15.73 -13.63 -10.23
C LYS A 194 15.26 -15.08 -10.04
N VAL A 195 15.89 -15.81 -9.12
CA VAL A 195 15.49 -17.18 -8.82
C VAL A 195 14.10 -17.21 -8.13
N LYS A 196 13.79 -16.19 -7.33
CA LYS A 196 12.47 -16.05 -6.70
C LYS A 196 11.41 -15.88 -7.80
N SER A 197 11.75 -15.08 -8.86
CA SER A 197 10.92 -14.83 -10.04
C SER A 197 10.53 -16.12 -10.80
N LYS A 198 11.28 -17.23 -10.64
CA LYS A 198 10.90 -18.51 -11.27
C LYS A 198 9.54 -18.99 -10.72
N CYS A 199 9.17 -18.60 -9.48
CA CYS A 199 7.90 -19.00 -8.91
C CYS A 199 6.76 -18.02 -9.19
N ASN A 200 7.02 -16.96 -9.97
CA ASN A 200 6.03 -15.92 -10.28
C ASN A 200 4.67 -16.45 -10.67
N ASP A 201 4.61 -17.43 -11.56
CA ASP A 201 3.33 -17.96 -12.04
C ASP A 201 2.58 -18.75 -10.96
N ILE A 202 3.30 -19.49 -10.12
CA ILE A 202 2.66 -20.22 -9.02
C ILE A 202 2.26 -19.25 -7.87
N LYS A 203 3.00 -18.14 -7.72
CA LYS A 203 2.72 -17.12 -6.72
C LYS A 203 1.44 -16.39 -7.13
N ASN A 204 1.35 -16.02 -8.43
CA ASN A 204 0.21 -15.34 -9.04
C ASN A 204 -1.06 -16.18 -8.97
N ASP A 205 -0.90 -17.51 -9.04
CA ASP A 205 -1.96 -18.48 -8.90
C ASP A 205 -2.55 -18.34 -7.48
N LEU A 206 -1.68 -18.38 -6.48
CA LEU A 206 -2.08 -18.26 -5.08
C LEU A 206 -2.79 -16.94 -4.82
N ILE A 207 -2.28 -15.82 -5.40
CA ILE A 207 -2.94 -14.52 -5.29
C ILE A 207 -4.40 -14.58 -5.73
N ALA A 208 -4.67 -15.15 -6.91
CA ALA A 208 -6.02 -15.29 -7.44
C ALA A 208 -6.94 -16.11 -6.53
N THR A 209 -6.41 -17.24 -5.98
CA THR A 209 -7.13 -18.12 -5.06
C THR A 209 -7.45 -17.38 -3.76
N ILE A 210 -6.50 -16.56 -3.28
CA ILE A 210 -6.68 -15.73 -2.09
C ILE A 210 -7.76 -14.67 -2.37
N LYS A 211 -7.82 -14.09 -3.59
CA LYS A 211 -8.87 -13.16 -3.96
C LYS A 211 -10.25 -13.84 -3.85
N LYS A 212 -10.39 -15.10 -4.29
CA LYS A 212 -11.66 -15.81 -4.15
C LYS A 212 -12.03 -16.03 -2.67
N LEU A 213 -11.00 -16.32 -1.85
CA LEU A 213 -11.19 -16.58 -0.43
C LEU A 213 -11.57 -15.35 0.34
N GLU A 214 -10.86 -14.25 0.10
CA GLU A 214 -11.09 -12.97 0.73
C GLU A 214 -12.35 -12.24 0.24
N HIS A 215 -13.00 -12.70 -0.82
CA HIS A 215 -14.20 -12.06 -1.34
C HIS A 215 -15.36 -13.08 -1.53
N PRO A 216 -15.82 -13.80 -0.47
CA PRO A 216 -16.91 -14.77 -0.67
C PRO A 216 -18.23 -14.13 -1.09
N TYR A 217 -18.35 -12.81 -0.95
CA TYR A 217 -19.54 -12.06 -1.32
C TYR A 217 -19.63 -11.79 -2.84
N ASP A 218 -18.64 -12.24 -3.63
CA ASP A 218 -18.62 -12.09 -5.08
C ASP A 218 -18.35 -13.46 -5.69
N MET A 271 -18.51 -19.11 -6.62
CA MET A 271 -18.13 -17.78 -6.15
C MET A 271 -18.72 -17.46 -4.75
N ASN A 272 -19.88 -18.07 -4.42
CA ASN A 272 -20.60 -17.90 -3.15
C ASN A 272 -20.93 -19.26 -2.48
N ARG A 273 -20.26 -20.34 -2.90
CA ARG A 273 -20.67 -21.66 -2.33
C ARG A 273 -19.49 -22.58 -1.97
N THR A 274 -19.72 -23.52 -1.03
CA THR A 274 -18.74 -24.58 -0.62
C THR A 274 -17.43 -24.08 -0.02
N PHE A 275 -17.42 -23.47 1.18
CA PHE A 275 -16.13 -23.05 1.79
C PHE A 275 -15.05 -24.15 1.74
N LYS A 276 -15.37 -25.40 2.06
CA LYS A 276 -14.31 -26.45 2.14
C LYS A 276 -13.51 -26.48 0.84
N LYS A 277 -14.19 -26.45 -0.31
CA LYS A 277 -13.53 -26.46 -1.62
C LYS A 277 -12.55 -25.28 -1.75
N MET A 278 -12.96 -24.12 -1.25
CA MET A 278 -12.15 -22.90 -1.27
C MET A 278 -10.94 -22.94 -0.33
N MET A 279 -11.07 -23.61 0.81
CA MET A 279 -10.01 -23.78 1.79
C MET A 279 -9.00 -24.79 1.21
N ASP A 280 -9.49 -25.90 0.63
CA ASP A 280 -8.65 -26.90 -0.02
C ASP A 280 -7.92 -26.26 -1.18
N GLU A 281 -8.59 -25.38 -1.96
CA GLU A 281 -7.99 -24.68 -3.09
C GLU A 281 -6.77 -23.88 -2.66
N TYR A 282 -6.94 -23.08 -1.60
CA TYR A 282 -5.91 -22.24 -1.02
C TYR A 282 -4.75 -23.11 -0.54
N ASN A 283 -5.07 -24.20 0.16
CA ASN A 283 -4.09 -25.11 0.72
C ASN A 283 -3.18 -25.70 -0.32
N THR A 284 -3.72 -26.18 -1.46
CA THR A 284 -2.90 -26.78 -2.51
C THR A 284 -2.12 -25.70 -3.28
N LYS A 285 -2.72 -24.54 -3.57
CA LYS A 285 -2.01 -23.48 -4.28
C LYS A 285 -0.81 -22.99 -3.47
N LYS A 286 -0.94 -22.97 -2.13
CA LYS A 286 0.09 -22.59 -1.17
C LYS A 286 1.19 -23.68 -1.12
N LYS A 287 0.76 -24.95 -1.15
CA LYS A 287 1.63 -26.13 -1.17
C LYS A 287 2.48 -26.06 -2.44
N LYS A 288 1.87 -25.72 -3.59
CA LYS A 288 2.53 -25.62 -4.88
C LYS A 288 3.60 -24.52 -4.90
N LEU A 289 3.38 -23.44 -4.14
CA LEU A 289 4.35 -22.36 -4.05
C LEU A 289 5.57 -22.82 -3.26
N ILE A 290 5.36 -23.44 -2.10
CA ILE A 290 6.47 -23.97 -1.31
C ILE A 290 7.22 -25.06 -2.10
N LYS A 291 6.49 -25.84 -2.91
CA LYS A 291 7.06 -26.86 -3.77
C LYS A 291 8.01 -26.20 -4.76
N CYS A 292 7.59 -25.10 -5.42
CA CYS A 292 8.43 -24.38 -6.38
C CYS A 292 9.68 -23.87 -5.71
N ILE A 293 9.52 -23.32 -4.50
CA ILE A 293 10.59 -22.79 -3.68
C ILE A 293 11.62 -23.85 -3.39
N LYS A 294 11.17 -25.02 -2.86
CA LYS A 294 12.04 -26.16 -2.54
C LYS A 294 12.80 -26.65 -3.75
N ASN A 295 12.17 -26.63 -4.93
CA ASN A 295 12.81 -27.05 -6.18
C ASN A 295 14.08 -26.23 -6.45
N HIS A 296 14.03 -24.91 -6.22
CA HIS A 296 15.18 -24.04 -6.47
C HIS A 296 16.15 -23.90 -5.32
N GLU A 297 16.10 -24.83 -4.34
CA GLU A 297 16.99 -24.86 -3.18
C GLU A 297 18.48 -24.68 -3.55
N ASN A 298 19.00 -25.49 -4.48
CA ASN A 298 20.40 -25.43 -4.92
C ASN A 298 20.78 -24.12 -5.60
N ASP A 299 19.85 -23.53 -6.35
CA ASP A 299 20.09 -22.24 -7.00
C ASP A 299 20.22 -21.16 -5.90
N PHE A 300 19.34 -21.20 -4.89
CA PHE A 300 19.37 -20.27 -3.79
C PHE A 300 20.64 -20.42 -2.97
N ASN A 301 21.06 -21.69 -2.69
CA ASN A 301 22.26 -22.01 -1.91
C ASN A 301 23.54 -21.58 -2.60
N LYS A 302 23.63 -21.74 -3.94
CA LYS A 302 24.82 -21.29 -4.68
C LYS A 302 25.00 -19.76 -4.53
N ILE A 303 23.91 -18.97 -4.66
CA ILE A 303 23.99 -17.52 -4.48
C ILE A 303 24.39 -17.15 -3.04
N CYS A 304 23.86 -17.88 -2.05
CA CYS A 304 24.19 -17.60 -0.65
C CYS A 304 25.67 -17.92 -0.42
N MET A 305 26.11 -19.11 -0.83
CA MET A 305 27.48 -19.57 -0.68
C MET A 305 28.50 -18.68 -1.43
N ASP A 306 28.06 -17.94 -2.48
CA ASP A 306 28.93 -17.01 -3.20
C ASP A 306 29.19 -15.77 -2.31
N MET A 307 28.15 -15.31 -1.59
CA MET A 307 28.19 -14.19 -0.63
C MET A 307 29.07 -14.58 0.57
N LYS A 308 28.95 -15.84 1.04
CA LYS A 308 29.77 -16.31 2.14
C LYS A 308 31.25 -16.31 1.72
N ASN A 309 31.57 -16.88 0.55
CA ASN A 309 32.93 -16.94 0.03
C ASN A 309 33.50 -15.55 -0.16
N TYR A 310 32.67 -14.62 -0.67
CA TYR A 310 33.10 -13.24 -0.87
C TYR A 310 33.43 -12.55 0.44
N GLY A 311 32.52 -12.67 1.41
CA GLY A 311 32.64 -12.03 2.71
C GLY A 311 33.79 -12.58 3.52
N THR A 312 33.95 -13.93 3.53
CA THR A 312 35.07 -14.55 4.25
C THR A 312 36.40 -14.22 3.57
N ASN A 313 36.42 -14.01 2.24
CA ASN A 313 37.65 -13.66 1.55
C ASN A 313 38.24 -12.34 2.04
N LEU A 314 37.40 -11.30 2.21
CA LEU A 314 37.84 -9.98 2.69
C LEU A 314 38.26 -10.01 4.17
N PHE A 315 37.49 -10.77 4.95
CA PHE A 315 37.66 -10.97 6.39
C PHE A 315 38.90 -11.77 6.70
N GLU A 316 39.20 -12.80 5.93
CA GLU A 316 40.40 -13.59 6.13
C GLU A 316 41.68 -12.85 5.75
N GLN A 317 41.59 -11.73 5.00
CA GLN A 317 42.76 -10.93 4.67
C GLN A 317 42.86 -9.64 5.50
N LEU A 318 42.00 -9.49 6.52
CA LEU A 318 41.99 -8.35 7.42
C LEU A 318 43.21 -8.45 8.34
N SER A 319 44.09 -7.44 8.31
CA SER A 319 45.31 -7.44 9.11
C SER A 319 45.50 -6.15 9.93
N CYS A 320 46.40 -6.21 10.95
CA CYS A 320 46.71 -5.08 11.83
C CYS A 320 48.19 -4.71 11.74
N TYR A 321 48.53 -3.47 12.13
CA TYR A 321 49.92 -3.03 12.18
C TYR A 321 50.64 -3.69 13.37
N ASN A 322 49.94 -3.92 14.48
CA ASN A 322 50.44 -4.60 15.66
C ASN A 322 49.36 -5.59 16.00
N ASN A 323 49.63 -6.90 15.84
CA ASN A 323 48.66 -7.93 16.11
C ASN A 323 48.17 -7.93 17.56
N ASN A 324 48.94 -7.38 18.50
CA ASN A 324 48.48 -7.28 19.90
C ASN A 324 47.52 -6.08 20.13
N PHE A 325 47.52 -5.11 19.18
CA PHE A 325 46.77 -3.87 19.25
C PHE A 325 46.11 -3.56 17.90
N CYS A 326 44.97 -4.21 17.64
CA CYS A 326 44.16 -4.02 16.42
C CYS A 326 43.12 -2.97 16.69
N ASN A 327 42.97 -2.01 15.77
CA ASN A 327 41.99 -0.93 15.91
C ASN A 327 40.51 -1.32 15.81
N THR A 328 39.67 -0.68 16.62
CA THR A 328 38.23 -0.92 16.57
C THR A 328 37.47 0.24 15.91
N ASN A 329 38.18 1.08 15.12
CA ASN A 329 37.53 2.19 14.42
C ASN A 329 36.59 1.69 13.32
N GLY A 330 36.91 0.54 12.72
CA GLY A 330 36.06 -0.08 11.72
C GLY A 330 34.75 -0.53 12.34
N ILE A 331 34.82 -1.09 13.57
CA ILE A 331 33.60 -1.53 14.28
C ILE A 331 32.75 -0.31 14.63
N ARG A 332 33.41 0.79 15.02
CA ARG A 332 32.76 2.04 15.35
C ARG A 332 32.06 2.67 14.13
N TYR A 333 32.82 2.94 13.05
CA TYR A 333 32.31 3.53 11.83
C TYR A 333 31.14 2.77 11.26
N HIS A 334 31.25 1.44 11.13
CA HIS A 334 30.20 0.56 10.63
C HIS A 334 28.95 0.67 11.50
N TYR A 335 29.13 0.78 12.83
CA TYR A 335 27.99 0.89 13.71
C TYR A 335 27.28 2.21 13.48
N ASP A 336 28.02 3.33 13.53
CA ASP A 336 27.47 4.67 13.34
C ASP A 336 26.80 4.84 12.00
N GLU A 337 27.41 4.32 10.92
CA GLU A 337 26.88 4.50 9.58
C GLU A 337 25.95 3.45 9.09
N TYR A 338 25.85 2.30 9.75
CA TYR A 338 24.99 1.21 9.26
C TYR A 338 23.96 0.70 10.28
N ILE A 339 24.33 0.67 11.58
CA ILE A 339 23.45 0.08 12.59
C ILE A 339 22.69 1.09 13.46
N HIS A 340 23.33 2.20 13.88
CA HIS A 340 22.66 3.18 14.72
C HIS A 340 21.42 3.77 14.06
N LYS A 341 21.39 3.89 12.71
CA LYS A 341 20.19 4.43 12.05
C LYS A 341 18.96 3.54 12.28
N LEU A 342 19.15 2.20 12.31
CA LEU A 342 18.07 1.24 12.50
C LEU A 342 17.60 1.14 13.95
N ILE A 343 18.49 1.39 14.89
CA ILE A 343 18.16 1.30 16.31
C ILE A 343 17.27 2.48 16.73
N LEU A 344 17.57 3.68 16.22
CA LEU A 344 16.78 4.87 16.49
C LEU A 344 15.43 4.72 15.82
N SER A 345 15.41 4.26 14.54
CA SER A 345 14.18 4.06 13.77
C SER A 345 13.24 3.09 14.48
N VAL A 346 13.76 1.97 14.98
CA VAL A 346 12.93 0.98 15.65
C VAL A 346 12.41 1.50 17.01
N LYS A 347 13.18 2.36 17.69
CA LYS A 347 12.74 2.89 18.98
C LYS A 347 11.59 3.90 18.84
N SER A 348 11.64 4.75 17.78
CA SER A 348 10.59 5.74 17.51
C SER A 348 9.21 5.08 17.32
N LYS A 349 9.20 3.84 16.80
CA LYS A 349 7.95 3.11 16.66
C LYS A 349 7.63 2.45 18.00
N ASN A 350 6.37 2.59 18.45
CA ASN A 350 5.94 1.96 19.67
C ASN A 350 5.46 0.58 19.23
N LEU A 351 6.35 -0.40 19.27
CA LEU A 351 6.00 -1.76 18.87
C LEU A 351 5.06 -2.43 19.86
N ASN A 352 5.17 -2.08 21.14
CA ASN A 352 4.34 -2.65 22.19
C ASN A 352 2.90 -2.16 22.11
N LYS A 353 2.68 -0.95 21.57
CA LYS A 353 1.31 -0.47 21.33
C LYS A 353 0.76 -1.07 20.04
N ASP A 354 1.61 -1.42 19.05
CA ASP A 354 1.16 -2.13 17.83
C ASP A 354 0.56 -3.48 18.22
N LEU A 355 1.10 -4.14 19.24
CA LEU A 355 0.61 -5.40 19.74
C LEU A 355 -0.67 -5.24 20.54
N SER A 356 -0.81 -4.13 21.26
CA SER A 356 -2.02 -3.79 22.02
C SER A 356 -3.15 -3.59 21.01
N ASP A 357 -2.89 -2.82 19.93
CA ASP A 357 -3.86 -2.53 18.91
C ASP A 357 -4.37 -3.82 18.29
N MET A 358 -3.45 -4.73 17.92
CA MET A 358 -3.79 -6.00 17.32
C MET A 358 -4.62 -6.90 18.24
N THR A 359 -4.42 -6.82 19.56
CA THR A 359 -5.21 -7.64 20.49
C THR A 359 -6.65 -7.11 20.58
N ASN A 360 -6.84 -5.77 20.49
CA ASN A 360 -8.18 -5.21 20.49
C ASN A 360 -8.92 -5.69 19.22
N ILE A 361 -8.22 -5.66 18.06
CA ILE A 361 -8.75 -6.14 16.79
C ILE A 361 -9.15 -7.60 16.89
N LEU A 362 -8.23 -8.48 17.35
CA LEU A 362 -8.51 -9.88 17.49
C LEU A 362 -9.68 -10.18 18.41
N GLN A 363 -9.74 -9.47 19.54
CA GLN A 363 -10.75 -9.67 20.56
C GLN A 363 -12.11 -9.22 20.13
N GLN A 364 -12.23 -8.00 19.57
CA GLN A 364 -13.54 -7.50 19.11
C GLN A 364 -14.08 -8.30 17.95
N SER A 365 -13.18 -8.86 17.09
CA SER A 365 -13.47 -9.73 15.96
C SER A 365 -14.03 -11.05 16.43
N GLU A 366 -13.46 -11.66 17.47
CA GLU A 366 -13.98 -12.90 18.02
C GLU A 366 -15.33 -12.61 18.70
N LEU A 367 -15.42 -11.54 19.48
CA LEU A 367 -16.62 -11.16 20.19
C LEU A 367 -17.83 -11.00 19.21
N LEU A 368 -17.61 -10.34 18.07
CA LEU A 368 -18.65 -10.11 17.06
C LEU A 368 -18.93 -11.42 16.36
N LEU A 369 -17.86 -12.15 15.95
CA LEU A 369 -17.87 -13.46 15.31
C LEU A 369 -18.77 -14.45 16.07
N THR A 370 -18.58 -14.58 17.37
CA THR A 370 -19.33 -15.48 18.25
C THR A 370 -20.80 -15.11 18.32
N ASN A 371 -21.11 -13.80 18.28
CA ASN A 371 -22.48 -13.30 18.30
C ASN A 371 -23.18 -13.58 16.96
N LEU A 372 -22.50 -13.28 15.85
CA LEU A 372 -23.03 -13.51 14.51
C LEU A 372 -23.22 -14.98 14.23
N ASN A 373 -22.31 -15.84 14.71
CA ASN A 373 -22.45 -17.28 14.51
C ASN A 373 -23.75 -17.82 15.12
N LYS A 374 -24.22 -17.18 16.20
CA LYS A 374 -25.45 -17.63 16.88
C LYS A 374 -26.69 -17.18 16.10
N LYS A 375 -26.53 -16.42 15.01
CA LYS A 375 -27.68 -15.91 14.22
C LYS A 375 -27.60 -16.49 12.80
N MET A 376 -26.48 -17.14 12.45
CA MET A 376 -26.28 -17.81 11.13
C MET A 376 -26.18 -16.84 9.94
N GLY A 377 -26.99 -17.06 8.90
CA GLY A 377 -26.84 -16.26 7.67
C GLY A 377 -26.10 -17.09 6.66
N SER A 378 -25.12 -16.51 5.96
CA SER A 378 -24.28 -17.30 5.01
C SER A 378 -23.19 -17.99 5.81
N TYR A 379 -23.29 -19.30 5.98
CA TYR A 379 -22.23 -20.05 6.70
C TYR A 379 -20.86 -19.82 6.02
N ILE A 380 -20.84 -19.58 4.69
CA ILE A 380 -19.62 -19.31 3.92
C ILE A 380 -18.90 -18.08 4.51
N TYR A 381 -19.69 -17.04 4.89
CA TYR A 381 -19.13 -15.83 5.50
C TYR A 381 -18.57 -16.13 6.89
N ILE A 382 -19.27 -16.92 7.72
CA ILE A 382 -18.76 -17.25 9.05
C ILE A 382 -17.52 -18.14 8.95
N ASP A 383 -17.48 -19.07 7.99
CA ASP A 383 -16.34 -19.96 7.82
C ASP A 383 -15.11 -19.19 7.36
N THR A 384 -15.28 -18.23 6.45
CA THR A 384 -14.15 -17.41 5.98
C THR A 384 -13.72 -16.40 7.04
N ILE A 385 -14.66 -15.92 7.89
CA ILE A 385 -14.30 -15.03 8.98
C ILE A 385 -13.46 -15.82 9.99
N LYS A 386 -13.93 -17.02 10.39
CA LYS A 386 -13.21 -17.90 11.31
C LYS A 386 -11.77 -18.20 10.82
N PHE A 387 -11.64 -18.48 9.50
CA PHE A 387 -10.38 -18.80 8.86
C PHE A 387 -9.40 -17.63 8.86
N ILE A 388 -9.82 -16.46 8.32
CA ILE A 388 -9.03 -15.22 8.28
C ILE A 388 -8.64 -14.80 9.71
N HIS A 389 -9.58 -14.95 10.66
CA HIS A 389 -9.33 -14.61 12.04
C HIS A 389 -8.22 -15.45 12.63
N LYS A 390 -8.24 -16.79 12.42
CA LYS A 390 -7.22 -17.71 12.90
C LYS A 390 -5.88 -17.41 12.24
N GLU A 391 -5.88 -17.06 10.94
CA GLU A 391 -4.68 -16.64 10.22
C GLU A 391 -4.08 -15.42 10.91
N MET A 392 -4.93 -14.47 11.34
CA MET A 392 -4.53 -13.24 12.03
C MET A 392 -3.95 -13.52 13.40
N LYS A 393 -4.47 -14.51 14.15
CA LYS A 393 -3.87 -14.87 15.45
C LYS A 393 -2.46 -15.45 15.22
N HIS A 394 -2.29 -16.27 14.18
CA HIS A 394 -1.01 -16.83 13.86
C HIS A 394 -0.03 -15.73 13.45
N ILE A 395 -0.48 -14.76 12.65
CA ILE A 395 0.39 -13.65 12.25
C ILE A 395 0.80 -12.83 13.48
N PHE A 396 -0.17 -12.57 14.39
CA PHE A 396 0.04 -11.86 15.65
C PHE A 396 1.13 -12.55 16.49
N ASN A 397 1.07 -13.88 16.62
CA ASN A 397 2.07 -14.64 17.37
C ASN A 397 3.48 -14.42 16.84
N ARG A 398 3.63 -14.43 15.52
CA ARG A 398 4.89 -14.18 14.86
C ARG A 398 5.37 -12.71 15.08
N ILE A 399 4.46 -11.73 15.07
CA ILE A 399 4.82 -10.33 15.29
C ILE A 399 5.27 -10.13 16.75
N GLU A 400 4.57 -10.77 17.68
CA GLU A 400 4.84 -10.72 19.11
C GLU A 400 6.20 -11.31 19.37
N TYR A 401 6.48 -12.49 18.79
CA TYR A 401 7.76 -13.17 18.87
C TYR A 401 8.91 -12.31 18.29
N HIS A 402 8.73 -11.70 17.12
CA HIS A 402 9.76 -10.86 16.50
C HIS A 402 9.97 -9.55 17.23
N THR A 403 8.93 -9.06 17.93
CA THR A 403 9.02 -7.84 18.70
C THR A 403 9.91 -8.10 19.90
N LYS A 404 9.74 -9.25 20.59
CA LYS A 404 10.62 -9.58 21.72
C LYS A 404 12.07 -9.62 21.29
N ILE A 405 12.36 -10.25 20.14
CA ILE A 405 13.71 -10.31 19.60
C ILE A 405 14.23 -8.91 19.29
N ILE A 406 13.46 -8.06 18.59
CA ILE A 406 13.89 -6.69 18.28
C ILE A 406 14.27 -5.92 19.56
N ASN A 407 13.41 -6.01 20.60
CA ASN A 407 13.68 -5.36 21.88
C ASN A 407 14.95 -5.92 22.57
N ASP A 408 15.15 -7.23 22.59
CA ASP A 408 16.33 -7.83 23.20
C ASP A 408 17.59 -7.55 22.45
N LYS A 409 17.56 -7.64 21.14
CA LYS A 409 18.73 -7.39 20.31
C LYS A 409 19.13 -5.91 20.32
N THR A 410 18.17 -4.97 20.34
CA THR A 410 18.50 -3.54 20.43
C THR A 410 19.22 -3.24 21.74
N LYS A 411 18.86 -3.94 22.84
CA LYS A 411 19.54 -3.75 24.11
C LYS A 411 20.91 -4.47 24.08
N ILE A 412 21.01 -5.65 23.45
CA ILE A 412 22.25 -6.42 23.39
C ILE A 412 23.32 -5.75 22.47
N ILE A 413 22.91 -5.24 21.31
CA ILE A 413 23.81 -4.56 20.39
C ILE A 413 24.39 -3.32 21.07
N GLN A 414 23.55 -2.58 21.85
CA GLN A 414 23.95 -1.36 22.52
C GLN A 414 24.84 -1.60 23.68
N ASP A 415 24.68 -2.73 24.39
CA ASP A 415 25.59 -3.05 25.49
C ASP A 415 26.91 -3.54 24.85
N LYS A 416 26.84 -4.57 24.00
CA LYS A 416 28.01 -5.15 23.37
C LYS A 416 28.85 -4.18 22.55
N ILE A 417 28.25 -3.18 21.91
CA ILE A 417 29.02 -2.23 21.08
C ILE A 417 30.01 -1.46 21.95
N LYS A 418 29.58 -1.05 23.16
CA LYS A 418 30.40 -0.35 24.14
C LYS A 418 31.68 -1.12 24.46
N LEU A 419 31.59 -2.45 24.59
CA LEU A 419 32.74 -3.30 24.93
C LEU A 419 33.73 -3.42 23.80
N ASN A 420 33.25 -3.45 22.56
CA ASN A 420 34.09 -3.62 21.37
C ASN A 420 34.60 -2.35 20.74
N ILE A 421 34.45 -1.23 21.42
CA ILE A 421 34.82 0.07 20.87
C ILE A 421 35.73 0.83 21.83
N TRP A 422 36.40 1.87 21.29
CA TRP A 422 37.28 2.77 22.03
C TRP A 422 38.47 2.10 22.71
N ARG A 423 38.90 0.97 22.16
CA ARG A 423 40.01 0.21 22.70
C ARG A 423 40.66 -0.56 21.54
N THR A 424 41.65 -1.40 21.81
CA THR A 424 42.25 -2.25 20.80
C THR A 424 42.05 -3.70 21.25
N PHE A 425 42.35 -4.67 20.40
CA PHE A 425 42.25 -6.09 20.73
C PHE A 425 43.39 -6.83 20.08
N GLN A 426 43.68 -8.06 20.55
CA GLN A 426 44.61 -8.92 19.81
C GLN A 426 43.81 -9.39 18.55
N LYS A 427 44.47 -9.58 17.40
CA LYS A 427 43.87 -10.04 16.13
C LYS A 427 42.79 -11.10 16.31
N ASP A 428 43.09 -12.16 17.08
CA ASP A 428 42.11 -13.20 17.35
C ASP A 428 40.82 -12.66 17.99
N GLU A 429 40.93 -11.94 19.12
CA GLU A 429 39.79 -11.38 19.85
C GLU A 429 39.02 -10.31 19.02
N LEU A 430 39.73 -9.50 18.23
CA LEU A 430 39.05 -8.51 17.36
C LEU A 430 38.16 -9.25 16.37
N LEU A 431 38.68 -10.30 15.73
CA LEU A 431 37.93 -11.07 14.75
C LEU A 431 36.76 -11.83 15.36
N LYS A 432 36.92 -12.42 16.56
CA LYS A 432 35.80 -13.10 17.23
C LYS A 432 34.70 -12.09 17.55
N ARG A 433 35.09 -10.84 17.89
CA ARG A 433 34.17 -9.76 18.20
C ARG A 433 33.49 -9.18 16.95
N ILE A 434 34.15 -9.23 15.79
CA ILE A 434 33.52 -8.80 14.54
C ILE A 434 32.44 -9.82 14.18
N LEU A 435 32.72 -11.11 14.33
CA LEU A 435 31.73 -12.16 14.04
C LEU A 435 30.54 -12.12 14.99
N ASP A 436 30.79 -11.76 16.27
CA ASP A 436 29.74 -11.70 17.27
C ASP A 436 28.80 -10.52 17.03
N MET A 437 29.35 -9.39 16.59
CA MET A 437 28.52 -8.22 16.31
C MET A 437 27.69 -8.48 15.10
N SER A 438 28.31 -9.02 14.04
CA SER A 438 27.64 -9.32 12.77
C SER A 438 26.47 -10.26 13.00
N ASN A 439 26.64 -11.24 13.87
CA ASN A 439 25.62 -12.20 14.24
C ASN A 439 24.44 -11.46 14.90
N GLU A 440 24.71 -10.57 15.88
CA GLU A 440 23.64 -9.82 16.55
C GLU A 440 22.88 -8.93 15.57
N TYR A 441 23.61 -8.19 14.70
CA TYR A 441 23.00 -7.29 13.73
C TYR A 441 22.09 -8.06 12.78
N SER A 442 22.57 -9.19 12.26
CA SER A 442 21.81 -9.95 11.30
C SER A 442 20.53 -10.52 11.87
N LEU A 443 20.57 -10.95 13.13
CA LEU A 443 19.37 -11.49 13.79
C LEU A 443 18.35 -10.39 14.09
N PHE A 444 18.82 -9.18 14.35
CA PHE A 444 17.96 -8.04 14.66
C PHE A 444 17.30 -7.56 13.36
N ILE A 445 18.13 -7.30 12.32
CA ILE A 445 17.68 -6.86 11.02
C ILE A 445 16.65 -7.86 10.42
N THR A 446 16.85 -9.16 10.62
CA THR A 446 15.93 -10.22 10.20
C THR A 446 14.57 -10.05 10.89
N SER A 447 14.53 -10.02 12.23
CA SER A 447 13.30 -9.88 12.97
C SER A 447 12.59 -8.54 12.68
N ASP A 448 13.36 -7.48 12.37
CA ASP A 448 12.80 -6.20 12.04
C ASP A 448 12.13 -6.31 10.69
N HIS A 449 12.81 -6.92 9.68
CA HIS A 449 12.29 -7.10 8.32
C HIS A 449 10.99 -7.96 8.35
N LEU A 450 11.02 -9.08 9.06
CA LEU A 450 9.86 -9.94 9.20
C LEU A 450 8.71 -9.33 9.96
N ARG A 451 8.97 -8.64 11.07
CA ARG A 451 7.91 -8.04 11.88
C ARG A 451 7.16 -6.98 11.06
N GLN A 452 7.92 -6.19 10.26
CA GLN A 452 7.34 -5.15 9.43
C GLN A 452 6.42 -5.77 8.41
N MET A 453 6.88 -6.83 7.73
CA MET A 453 6.12 -7.53 6.70
C MET A 453 4.91 -8.23 7.27
N LEU A 454 5.04 -8.86 8.45
CA LEU A 454 3.91 -9.51 9.12
C LEU A 454 2.87 -8.49 9.56
N TYR A 455 3.30 -7.26 9.88
CA TYR A 455 2.39 -6.19 10.26
C TYR A 455 1.53 -5.80 9.01
N ASN A 456 2.19 -5.69 7.86
CA ASN A 456 1.51 -5.40 6.61
C ASN A 456 0.50 -6.50 6.27
N THR A 457 0.84 -7.75 6.61
CA THR A 457 0.01 -8.92 6.37
C THR A 457 -1.20 -8.97 7.29
N PHE A 458 -1.01 -8.69 8.59
CA PHE A 458 -2.10 -8.66 9.57
C PHE A 458 -3.18 -7.68 9.15
N TYR A 459 -2.77 -6.46 8.75
CA TYR A 459 -3.71 -5.40 8.37
C TYR A 459 -4.29 -5.58 6.99
N SER A 460 -3.57 -6.22 6.10
CA SER A 460 -4.06 -6.56 4.77
C SER A 460 -5.20 -7.60 4.94
N LYS A 461 -5.00 -8.61 5.82
CA LYS A 461 -6.00 -9.64 6.09
C LYS A 461 -7.19 -9.07 6.87
N GLU A 462 -6.92 -8.12 7.78
CA GLU A 462 -7.91 -7.43 8.61
C GLU A 462 -8.88 -6.64 7.74
N LYS A 463 -8.36 -6.00 6.67
CA LYS A 463 -9.15 -5.24 5.71
C LYS A 463 -10.25 -6.14 5.13
N HIS A 464 -9.89 -7.35 4.75
CA HIS A 464 -10.85 -8.32 4.24
C HIS A 464 -11.80 -8.87 5.29
N LEU A 465 -11.36 -9.05 6.52
CA LEU A 465 -12.25 -9.51 7.63
C LEU A 465 -13.35 -8.47 7.84
N ASN A 466 -12.99 -7.19 7.79
CA ASN A 466 -13.91 -6.09 7.97
C ASN A 466 -14.99 -6.09 6.94
N ASN A 467 -14.62 -6.31 5.67
CA ASN A 467 -15.56 -6.37 4.55
C ASN A 467 -16.54 -7.49 4.76
N ILE A 468 -16.05 -8.68 5.10
CA ILE A 468 -16.93 -9.83 5.30
C ILE A 468 -17.87 -9.62 6.49
N PHE A 469 -17.42 -8.89 7.52
CA PHE A 469 -18.27 -8.56 8.66
C PHE A 469 -19.40 -7.65 8.18
N HIS A 470 -19.06 -6.62 7.38
CA HIS A 470 -20.01 -5.69 6.79
C HIS A 470 -21.06 -6.44 5.96
N HIS A 471 -20.62 -7.37 5.11
CA HIS A 471 -21.54 -8.14 4.25
C HIS A 471 -22.41 -9.13 5.03
N LEU A 472 -21.88 -9.74 6.07
CA LEU A 472 -22.70 -10.68 6.87
C LEU A 472 -23.80 -9.90 7.60
N ILE A 473 -23.46 -8.72 8.11
CA ILE A 473 -24.45 -7.92 8.79
C ILE A 473 -25.54 -7.49 7.81
N TYR A 474 -25.17 -7.13 6.55
CA TYR A 474 -26.16 -6.79 5.54
C TYR A 474 -27.15 -7.96 5.29
N VAL A 475 -26.61 -9.18 5.07
CA VAL A 475 -27.38 -10.41 4.84
C VAL A 475 -28.32 -10.69 6.03
N LEU A 476 -27.79 -10.65 7.24
CA LEU A 476 -28.56 -10.93 8.45
C LEU A 476 -29.75 -9.96 8.62
N GLN A 477 -29.50 -8.66 8.49
CA GLN A 477 -30.54 -7.66 8.68
C GLN A 477 -31.60 -7.64 7.59
N MET A 478 -31.19 -7.92 6.35
CA MET A 478 -32.09 -7.95 5.20
C MET A 478 -32.39 -9.39 4.91
N LYS A 479 -33.22 -9.97 5.79
CA LYS A 479 -33.67 -11.36 5.86
C LYS A 479 -35.17 -11.39 6.29
N PHE A 480 -35.81 -12.57 6.30
CA PHE A 480 -37.21 -12.68 6.69
C PHE A 480 -37.36 -13.22 8.13
N ASN A 481 -38.53 -12.99 8.77
CA ASN A 481 -38.76 -13.46 10.15
C ASN A 481 -39.89 -14.52 10.24
N VAL B 5 -9.82 6.32 31.07
CA VAL B 5 -10.82 6.38 29.96
C VAL B 5 -11.96 7.32 30.21
N GLN B 6 -11.89 8.57 29.70
CA GLN B 6 -12.93 9.56 29.94
C GLN B 6 -13.24 10.47 28.76
N LEU B 7 -14.44 11.08 28.79
CA LEU B 7 -14.89 12.08 27.83
C LEU B 7 -15.41 13.22 28.67
N VAL B 8 -14.73 14.37 28.60
CA VAL B 8 -15.13 15.54 29.36
C VAL B 8 -15.58 16.61 28.40
N GLN B 9 -16.84 16.95 28.49
CA GLN B 9 -17.44 17.96 27.65
C GLN B 9 -17.42 19.35 28.29
N SER B 10 -17.64 20.38 27.44
CA SER B 10 -17.73 21.76 27.89
C SER B 10 -19.02 22.01 28.72
N GLY B 11 -19.06 23.16 29.39
CA GLY B 11 -20.14 23.54 30.28
C GLY B 11 -21.41 23.98 29.61
N ALA B 12 -22.46 24.08 30.42
CA ALA B 12 -23.80 24.51 30.11
C ALA B 12 -23.80 25.78 29.29
N GLU B 13 -24.65 25.78 28.27
CA GLU B 13 -24.79 26.86 27.33
C GLU B 13 -26.17 27.46 27.47
N VAL B 14 -26.25 28.78 27.29
CA VAL B 14 -27.51 29.50 27.31
C VAL B 14 -27.45 30.40 26.11
N LYS B 15 -28.28 30.10 25.11
CA LYS B 15 -28.33 30.78 23.84
C LYS B 15 -29.71 31.28 23.39
N LYS B 16 -29.74 32.31 22.55
CA LYS B 16 -30.99 32.86 21.98
C LYS B 16 -31.29 32.11 20.66
N PRO B 17 -32.56 32.03 20.20
CA PRO B 17 -32.83 31.38 18.92
C PRO B 17 -32.12 32.11 17.76
N GLY B 18 -31.73 31.35 16.74
CA GLY B 18 -30.99 31.87 15.61
C GLY B 18 -29.49 31.87 15.84
N ALA B 19 -29.03 31.63 17.08
CA ALA B 19 -27.61 31.63 17.41
C ALA B 19 -26.97 30.25 17.21
N SER B 20 -25.61 30.12 17.33
CA SER B 20 -24.91 28.86 17.19
C SER B 20 -24.15 28.48 18.48
N VAL B 21 -23.81 27.19 18.62
CA VAL B 21 -23.09 26.68 19.76
C VAL B 21 -22.11 25.67 19.29
N LYS B 22 -20.86 25.79 19.72
CA LYS B 22 -19.87 24.78 19.40
C LYS B 22 -19.61 24.12 20.73
N VAL B 23 -20.01 22.86 20.90
CA VAL B 23 -19.76 22.13 22.15
C VAL B 23 -18.48 21.29 21.99
N SER B 24 -17.65 21.16 23.04
CA SER B 24 -16.45 20.34 22.92
C SER B 24 -16.51 19.06 23.73
N CYS B 25 -15.68 18.10 23.37
CA CYS B 25 -15.60 16.83 24.04
C CYS B 25 -14.13 16.36 23.99
N LYS B 26 -13.41 16.42 25.14
CA LYS B 26 -12.00 15.99 25.26
C LYS B 26 -11.90 14.55 25.75
N ALA B 27 -11.15 13.72 25.02
CA ALA B 27 -10.89 12.30 25.28
C ALA B 27 -9.63 12.13 26.10
N SER B 28 -9.63 11.22 27.08
CA SER B 28 -8.46 10.93 27.90
C SER B 28 -8.42 9.46 28.30
N GLY B 29 -7.24 8.96 28.61
CA GLY B 29 -7.06 7.58 29.01
C GLY B 29 -6.92 6.60 27.85
N TYR B 30 -6.73 7.13 26.61
CA TYR B 30 -6.61 6.30 25.42
C TYR B 30 -6.14 7.12 24.19
N THR B 31 -5.87 6.44 23.05
CA THR B 31 -5.48 7.17 21.84
C THR B 31 -6.72 7.61 21.09
N PHE B 32 -7.04 8.90 21.19
CA PHE B 32 -8.20 9.59 20.62
C PHE B 32 -8.53 9.22 19.14
N THR B 33 -7.52 9.02 18.27
CA THR B 33 -7.79 8.72 16.86
C THR B 33 -8.13 7.25 16.56
N ASP B 34 -8.08 6.39 17.57
CA ASP B 34 -8.38 4.98 17.38
C ASP B 34 -9.84 4.62 17.56
N TYR B 35 -10.70 5.55 18.04
CA TYR B 35 -12.12 5.20 18.23
C TYR B 35 -13.09 6.28 17.72
N TYR B 36 -14.20 5.87 17.06
CA TYR B 36 -15.20 6.84 16.60
C TYR B 36 -15.92 7.48 17.78
N ILE B 37 -16.38 8.72 17.58
CA ILE B 37 -17.15 9.44 18.58
C ILE B 37 -18.55 9.72 18.04
N HIS B 38 -19.54 9.47 18.85
CA HIS B 38 -20.93 9.67 18.49
C HIS B 38 -21.46 10.84 19.30
N TRP B 39 -22.52 11.45 18.82
CA TRP B 39 -23.20 12.48 19.55
C TRP B 39 -24.64 12.05 19.69
N VAL B 40 -25.19 12.08 20.89
CA VAL B 40 -26.60 11.72 21.08
C VAL B 40 -27.26 12.81 21.90
N ARG B 41 -28.46 13.26 21.51
CA ARG B 41 -29.13 14.29 22.27
C ARG B 41 -30.34 13.74 23.06
N GLN B 42 -30.65 14.40 24.17
CA GLN B 42 -31.76 14.01 25.01
C GLN B 42 -32.58 15.22 25.43
N ALA B 43 -33.83 15.28 24.99
CA ALA B 43 -34.75 16.30 25.44
C ALA B 43 -35.13 15.92 26.89
N PRO B 44 -35.39 16.93 27.73
CA PRO B 44 -35.78 16.61 29.12
C PRO B 44 -37.00 15.67 29.21
N GLY B 45 -36.83 14.61 29.99
CA GLY B 45 -37.84 13.57 30.19
C GLY B 45 -38.00 12.63 29.00
N GLN B 46 -37.19 12.82 27.93
CA GLN B 46 -37.32 11.99 26.73
C GLN B 46 -36.14 11.00 26.52
N GLY B 47 -36.15 10.29 25.39
CA GLY B 47 -35.16 9.27 25.06
C GLY B 47 -33.89 9.77 24.41
N LEU B 48 -33.06 8.81 24.00
CA LEU B 48 -31.77 9.08 23.41
C LEU B 48 -31.96 9.11 21.91
N GLU B 49 -31.40 10.12 21.30
CA GLU B 49 -31.50 10.39 19.90
C GLU B 49 -30.12 10.43 19.33
N TRP B 50 -29.81 9.48 18.44
CA TRP B 50 -28.51 9.49 17.83
C TRP B 50 -28.45 10.62 16.81
N MET B 51 -27.43 11.46 16.92
CA MET B 51 -27.23 12.58 16.01
C MET B 51 -26.24 12.21 14.90
N GLY B 52 -25.27 11.34 15.20
CA GLY B 52 -24.28 10.96 14.20
C GLY B 52 -22.92 10.66 14.80
N TRP B 53 -22.00 10.22 13.95
CA TRP B 53 -20.65 9.96 14.39
C TRP B 53 -19.58 10.74 13.60
N ILE B 54 -18.36 10.73 14.13
CA ILE B 54 -17.20 11.30 13.49
C ILE B 54 -16.01 10.32 13.63
N ASN B 55 -15.24 10.14 12.57
CA ASN B 55 -14.04 9.34 12.58
C ASN B 55 -12.94 10.31 13.02
N PRO B 56 -12.42 10.19 14.27
CA PRO B 56 -11.42 11.16 14.73
C PRO B 56 -10.07 11.12 14.01
N ASN B 57 -9.86 10.12 13.15
CA ASN B 57 -8.63 9.99 12.42
C ASN B 57 -8.69 10.84 11.12
N SER B 58 -9.75 10.70 10.34
CA SER B 58 -9.89 11.38 9.06
C SER B 58 -10.69 12.69 9.13
N GLY B 59 -11.59 12.77 10.09
CA GLY B 59 -12.52 13.88 10.19
C GLY B 59 -13.82 13.60 9.42
N GLY B 60 -13.95 12.42 8.83
CA GLY B 60 -15.15 12.02 8.11
C GLY B 60 -16.32 11.81 9.05
N THR B 61 -17.49 12.31 8.66
CA THR B 61 -18.68 12.26 9.52
C THR B 61 -19.84 11.50 8.93
N ASN B 62 -20.86 11.23 9.74
CA ASN B 62 -22.06 10.56 9.28
C ASN B 62 -23.13 11.12 10.16
N TYR B 63 -24.00 11.96 9.60
CA TYR B 63 -25.08 12.64 10.30
C TYR B 63 -26.37 11.90 10.15
N ALA B 64 -27.13 11.79 11.23
CA ALA B 64 -28.44 11.14 11.16
C ALA B 64 -29.36 12.01 10.33
N GLN B 65 -30.44 11.43 9.80
CA GLN B 65 -31.37 12.16 8.96
C GLN B 65 -31.87 13.48 9.53
N LYS B 66 -32.42 13.45 10.76
CA LYS B 66 -32.98 14.62 11.44
C LYS B 66 -31.94 15.68 11.82
N PHE B 67 -30.65 15.31 11.83
CA PHE B 67 -29.60 16.24 12.24
C PHE B 67 -28.71 16.75 11.09
N GLN B 68 -28.98 16.31 9.87
CA GLN B 68 -28.31 16.67 8.65
C GLN B 68 -28.71 18.11 8.30
N GLY B 69 -27.71 18.88 7.86
CA GLY B 69 -27.90 20.26 7.44
C GLY B 69 -27.52 21.30 8.47
N TRP B 70 -27.78 21.02 9.74
CA TRP B 70 -27.55 22.00 10.79
C TRP B 70 -26.61 21.55 11.91
N VAL B 71 -26.01 20.37 11.79
CA VAL B 71 -25.02 19.88 12.75
C VAL B 71 -23.70 19.71 12.02
N THR B 72 -22.60 20.17 12.59
CA THR B 72 -21.28 20.01 11.98
C THR B 72 -20.39 19.41 13.04
N MET B 73 -19.73 18.27 12.74
CA MET B 73 -18.82 17.65 13.68
C MET B 73 -17.41 17.75 13.17
N THR B 74 -16.48 18.23 14.00
CA THR B 74 -15.09 18.36 13.63
C THR B 74 -14.20 17.86 14.80
N ARG B 75 -12.87 17.75 14.61
CA ARG B 75 -11.96 17.41 15.70
C ARG B 75 -10.62 18.12 15.57
N ASP B 76 -9.88 18.16 16.68
CA ASP B 76 -8.54 18.69 16.77
C ASP B 76 -7.77 17.58 17.46
N THR B 77 -7.09 16.71 16.68
CA THR B 77 -6.32 15.58 17.21
C THR B 77 -5.20 16.00 18.19
N SER B 78 -4.58 17.20 17.98
CA SER B 78 -3.51 17.76 18.82
C SER B 78 -3.91 17.86 20.30
N ILE B 79 -5.22 18.08 20.55
CA ILE B 79 -5.74 18.22 21.90
C ILE B 79 -6.82 17.20 22.22
N SER B 80 -6.83 16.05 21.54
CA SER B 80 -7.77 14.95 21.78
C SER B 80 -9.22 15.39 21.90
N THR B 81 -9.60 16.44 21.17
CA THR B 81 -10.92 17.04 21.33
C THR B 81 -11.77 17.01 20.08
N THR B 82 -13.02 16.60 20.23
CA THR B 82 -14.00 16.62 19.14
C THR B 82 -15.06 17.74 19.45
N TYR B 83 -15.65 18.34 18.41
CA TYR B 83 -16.64 19.39 18.58
C TYR B 83 -17.88 19.12 17.77
N MET B 84 -19.00 19.68 18.24
CA MET B 84 -20.26 19.64 17.53
C MET B 84 -20.88 21.03 17.53
N GLU B 85 -21.10 21.55 16.34
CA GLU B 85 -21.73 22.84 16.18
C GLU B 85 -23.17 22.68 15.81
N LEU B 86 -24.03 23.36 16.54
CA LEU B 86 -25.44 23.42 16.21
C LEU B 86 -25.59 24.78 15.55
N SER B 87 -26.09 24.80 14.30
CA SER B 87 -26.25 26.05 13.59
C SER B 87 -27.72 26.46 13.50
N ARG B 88 -28.02 27.72 13.93
CA ARG B 88 -29.34 28.35 13.91
C ARG B 88 -30.29 27.68 14.89
N LEU B 89 -29.96 27.75 16.18
CA LEU B 89 -30.72 27.16 17.26
C LEU B 89 -32.19 27.61 17.32
N ARG B 90 -33.08 26.66 17.65
CA ARG B 90 -34.47 26.97 17.87
C ARG B 90 -34.90 26.49 19.22
N SER B 91 -36.03 27.00 19.72
CA SER B 91 -36.59 26.64 21.04
C SER B 91 -36.52 25.11 21.35
N ASP B 92 -36.92 24.26 20.40
CA ASP B 92 -36.94 22.79 20.50
C ASP B 92 -35.56 22.11 20.55
N ASP B 93 -34.48 22.87 20.52
CA ASP B 93 -33.15 22.31 20.66
C ASP B 93 -32.67 22.27 22.08
N MET B 94 -33.52 22.61 23.09
CA MET B 94 -33.17 22.53 24.51
C MET B 94 -33.03 21.05 24.77
N ALA B 95 -31.85 20.61 25.18
CA ALA B 95 -31.56 19.18 25.39
C ALA B 95 -30.18 19.04 26.02
N VAL B 96 -29.89 17.84 26.55
CA VAL B 96 -28.56 17.50 26.99
C VAL B 96 -27.92 16.87 25.79
N TYR B 97 -26.81 17.42 25.35
CA TYR B 97 -26.07 16.88 24.21
C TYR B 97 -24.91 16.04 24.74
N TYR B 98 -24.74 14.82 24.25
CA TYR B 98 -23.71 13.92 24.78
C TYR B 98 -22.74 13.53 23.71
N CYS B 99 -21.49 13.34 24.08
CA CYS B 99 -20.51 12.76 23.20
C CYS B 99 -20.27 11.34 23.80
N ALA B 100 -20.05 10.34 22.94
CA ALA B 100 -19.92 8.97 23.38
C ALA B 100 -18.99 8.19 22.46
N ARG B 101 -18.05 7.47 23.01
CA ARG B 101 -17.04 6.73 22.30
C ARG B 101 -17.53 5.36 21.85
N ASP B 102 -17.41 5.08 20.56
CA ASP B 102 -17.77 3.79 20.04
C ASP B 102 -16.83 2.70 20.62
N LEU B 103 -17.41 1.53 20.94
CA LEU B 103 -16.64 0.44 21.51
C LEU B 103 -15.68 -0.22 20.49
N TRP B 104 -15.99 -0.14 19.18
CA TRP B 104 -15.09 -0.67 18.15
C TRP B 104 -13.80 0.12 18.05
N PHE B 105 -12.68 -0.60 18.12
CA PHE B 105 -11.34 -0.04 17.96
C PHE B 105 -10.98 -0.01 16.50
N GLY B 106 -10.72 1.18 15.99
CA GLY B 106 -10.28 1.31 14.60
C GLY B 106 -11.27 1.93 13.66
N GLU B 107 -10.91 1.95 12.36
CA GLU B 107 -11.72 2.56 11.32
C GLU B 107 -12.76 1.62 10.75
N SER B 108 -13.82 2.20 10.22
CA SER B 108 -14.90 1.47 9.59
C SER B 108 -15.48 0.34 10.44
N PRO B 109 -16.09 0.63 11.61
CA PRO B 109 -16.70 -0.45 12.41
C PRO B 109 -17.80 -1.14 11.63
N PRO B 110 -17.88 -2.48 11.64
CA PRO B 110 -19.00 -3.15 10.95
C PRO B 110 -20.32 -2.92 11.70
N TYR B 111 -20.26 -2.67 13.00
CA TYR B 111 -21.40 -2.42 13.85
C TYR B 111 -21.08 -1.30 14.80
N TYR B 112 -22.11 -0.54 15.18
CA TYR B 112 -21.89 0.61 16.05
C TYR B 112 -22.57 0.45 17.40
N GLY B 113 -21.86 0.86 18.45
CA GLY B 113 -22.33 0.80 19.83
C GLY B 113 -21.40 1.59 20.72
N VAL B 114 -21.93 2.19 21.80
CA VAL B 114 -21.16 3.07 22.69
C VAL B 114 -20.72 2.36 24.01
N ASP B 115 -19.58 2.77 24.61
CA ASP B 115 -19.08 2.18 25.86
C ASP B 115 -18.67 3.25 26.90
N VAL B 116 -18.28 4.44 26.42
CA VAL B 116 -17.84 5.52 27.29
C VAL B 116 -18.61 6.77 26.91
N TRP B 117 -19.34 7.35 27.86
CA TRP B 117 -20.11 8.56 27.60
C TRP B 117 -19.52 9.75 28.29
N GLY B 118 -19.67 10.92 27.70
CA GLY B 118 -19.34 12.19 28.34
C GLY B 118 -20.41 12.52 29.37
N GLN B 119 -20.20 13.55 30.19
CA GLN B 119 -21.14 13.92 31.24
C GLN B 119 -22.41 14.68 30.76
N GLY B 120 -22.38 15.14 29.52
CA GLY B 120 -23.45 15.92 28.93
C GLY B 120 -23.19 17.41 29.04
N THR B 121 -23.70 18.15 28.07
CA THR B 121 -23.65 19.60 28.01
C THR B 121 -25.07 20.03 27.79
N THR B 122 -25.66 20.74 28.74
CA THR B 122 -27.03 21.24 28.58
C THR B 122 -26.97 22.49 27.73
N VAL B 123 -27.81 22.55 26.70
CA VAL B 123 -27.93 23.73 25.87
C VAL B 123 -29.36 24.25 26.08
N THR B 124 -29.49 25.47 26.58
CA THR B 124 -30.78 26.08 26.87
C THR B 124 -31.02 27.16 25.87
N VAL B 125 -32.22 27.19 25.27
CA VAL B 125 -32.58 28.11 24.19
C VAL B 125 -33.75 28.98 24.60
N SER B 126 -33.53 30.30 24.67
CA SER B 126 -34.60 31.21 25.04
C SER B 126 -34.38 32.60 24.48
N SER B 127 -35.46 33.30 24.12
CA SER B 127 -35.36 34.68 23.66
C SER B 127 -35.34 35.71 24.82
N ALA B 128 -35.57 35.26 26.08
CA ALA B 128 -35.53 36.12 27.27
C ALA B 128 -34.24 36.92 27.41
N SER B 129 -34.32 38.06 28.07
CA SER B 129 -33.12 38.90 28.26
C SER B 129 -32.63 38.73 29.69
N THR B 130 -31.32 38.87 29.91
CA THR B 130 -30.76 38.68 31.27
C THR B 130 -31.42 39.68 32.22
N LYS B 131 -32.13 39.16 33.22
CA LYS B 131 -32.79 40.04 34.21
C LYS B 131 -32.44 39.54 35.59
N GLY B 132 -32.12 40.46 36.50
CA GLY B 132 -31.82 40.12 37.89
C GLY B 132 -33.09 39.88 38.68
N PRO B 133 -33.03 38.98 39.66
CA PRO B 133 -34.22 38.69 40.45
C PRO B 133 -34.69 39.80 41.36
N SER B 134 -36.00 39.93 41.55
CA SER B 134 -36.58 40.80 42.57
C SER B 134 -36.69 39.83 43.79
N VAL B 135 -36.22 40.24 44.98
CA VAL B 135 -36.19 39.34 46.14
C VAL B 135 -37.16 39.74 47.24
N PHE B 136 -37.99 38.80 47.71
CA PHE B 136 -38.99 39.10 48.72
C PHE B 136 -38.93 38.23 49.96
N PRO B 137 -39.27 38.77 51.14
CA PRO B 137 -39.29 37.93 52.34
C PRO B 137 -40.59 37.12 52.53
N LEU B 138 -40.41 35.85 52.83
CA LEU B 138 -41.50 34.94 53.14
C LEU B 138 -41.52 34.82 54.68
N ALA B 139 -42.06 35.84 55.36
CA ALA B 139 -42.15 35.98 56.81
C ALA B 139 -42.63 34.73 57.56
N PRO B 140 -42.03 34.41 58.72
CA PRO B 140 -42.52 33.27 59.48
C PRO B 140 -43.90 33.56 60.05
N SER B 141 -44.68 32.51 60.25
CA SER B 141 -46.06 32.62 60.72
C SER B 141 -46.52 31.24 61.27
N SER B 142 -47.78 31.15 61.76
CA SER B 142 -48.32 29.88 62.23
C SER B 142 -49.25 29.28 61.14
N GLY B 147 -45.35 22.83 64.66
CA GLY B 147 -45.52 22.92 66.11
C GLY B 147 -44.61 23.96 66.75
N GLY B 148 -43.50 23.50 67.32
CA GLY B 148 -42.47 24.36 67.92
C GLY B 148 -41.41 24.81 66.93
N THR B 149 -41.65 24.54 65.61
CA THR B 149 -40.75 24.94 64.53
C THR B 149 -41.48 25.82 63.50
N ALA B 150 -40.84 26.97 63.15
CA ALA B 150 -41.31 27.99 62.22
C ALA B 150 -40.63 27.89 60.85
N ALA B 151 -41.40 28.12 59.76
CA ALA B 151 -40.91 28.13 58.39
C ALA B 151 -40.90 29.57 57.83
N LEU B 152 -39.75 30.02 57.34
CA LEU B 152 -39.52 31.32 56.72
C LEU B 152 -38.60 31.19 55.49
N GLY B 153 -38.66 32.13 54.55
CA GLY B 153 -37.80 32.06 53.39
C GLY B 153 -37.66 33.29 52.54
N CYS B 154 -37.19 33.11 51.32
CA CYS B 154 -37.07 34.19 50.35
C CYS B 154 -37.66 33.72 49.04
N LEU B 155 -38.30 34.64 48.32
CA LEU B 155 -38.88 34.42 47.01
C LEU B 155 -37.96 35.15 46.03
N VAL B 156 -37.39 34.45 45.07
CA VAL B 156 -36.43 35.02 44.11
C VAL B 156 -37.16 35.02 42.81
N LYS B 157 -37.82 36.13 42.51
CA LYS B 157 -38.71 36.30 41.39
C LYS B 157 -38.13 36.81 40.12
N ASP B 158 -38.60 36.27 38.99
CA ASP B 158 -38.37 36.74 37.63
C ASP B 158 -36.92 37.05 37.25
N TYR B 159 -36.10 36.00 37.17
CA TYR B 159 -34.72 36.18 36.77
C TYR B 159 -34.40 35.27 35.60
N PHE B 160 -33.40 35.67 34.84
CA PHE B 160 -32.96 34.90 33.70
C PHE B 160 -31.52 35.28 33.41
N PRO B 161 -30.64 34.29 33.12
CA PRO B 161 -30.89 32.84 33.07
C PRO B 161 -30.48 32.14 34.39
N GLU B 162 -30.52 30.81 34.39
CA GLU B 162 -30.06 30.04 35.53
C GLU B 162 -28.52 30.14 35.55
N PRO B 163 -27.85 30.10 36.70
CA PRO B 163 -28.38 29.80 38.02
C PRO B 163 -28.37 31.00 38.97
N VAL B 164 -29.07 30.85 40.08
CA VAL B 164 -29.06 31.83 41.14
C VAL B 164 -28.48 31.12 42.37
N THR B 165 -27.71 31.83 43.19
CA THR B 165 -27.18 31.23 44.41
C THR B 165 -27.89 31.84 45.57
N VAL B 166 -28.35 30.98 46.50
CA VAL B 166 -29.02 31.49 47.68
C VAL B 166 -28.32 31.02 48.89
N SER B 167 -27.82 31.97 49.68
CA SER B 167 -27.16 31.64 50.92
C SER B 167 -27.96 32.29 52.08
N TRP B 168 -27.73 31.80 53.31
CA TRP B 168 -28.40 32.33 54.49
C TRP B 168 -27.38 32.83 55.53
N ASN B 169 -27.55 34.11 55.95
CA ASN B 169 -26.68 34.75 56.93
C ASN B 169 -25.22 34.71 56.47
N SER B 170 -24.99 35.07 55.21
CA SER B 170 -23.70 35.12 54.53
C SER B 170 -22.97 33.80 54.52
N GLY B 171 -23.75 32.73 54.44
CA GLY B 171 -23.23 31.38 54.42
C GLY B 171 -23.24 30.72 55.76
N ALA B 172 -23.29 31.49 56.86
CA ALA B 172 -23.25 30.92 58.20
C ALA B 172 -24.40 30.01 58.53
N LEU B 173 -25.59 30.21 57.92
CA LEU B 173 -26.71 29.33 58.21
C LEU B 173 -26.91 28.35 57.08
N THR B 174 -26.67 27.05 57.35
CA THR B 174 -26.82 25.95 56.40
C THR B 174 -27.68 24.78 56.91
N SER B 175 -28.17 24.83 58.14
CA SER B 175 -29.02 23.78 58.68
C SER B 175 -30.46 24.18 58.47
N GLY B 176 -31.30 23.20 58.17
CA GLY B 176 -32.72 23.43 57.95
C GLY B 176 -33.02 24.21 56.70
N VAL B 177 -32.02 24.50 55.86
CA VAL B 177 -32.21 25.26 54.62
C VAL B 177 -32.59 24.31 53.48
N HIS B 178 -33.57 24.71 52.67
CA HIS B 178 -34.03 24.01 51.49
C HIS B 178 -34.26 25.04 50.37
N THR B 179 -33.31 25.14 49.44
CA THR B 179 -33.42 26.00 48.29
C THR B 179 -34.02 25.11 47.22
N PHE B 180 -35.18 25.51 46.70
CA PHE B 180 -36.00 24.74 45.80
C PHE B 180 -35.68 24.99 44.33
N PRO B 181 -35.79 23.95 43.49
CA PRO B 181 -35.58 24.13 42.05
C PRO B 181 -36.55 25.17 41.47
N ALA B 182 -36.07 25.96 40.48
CA ALA B 182 -36.83 27.04 39.91
C ALA B 182 -37.91 26.61 38.95
N VAL B 183 -38.97 27.41 38.88
CA VAL B 183 -40.04 27.17 37.88
C VAL B 183 -39.76 28.10 36.70
N LEU B 184 -39.91 27.60 35.47
CA LEU B 184 -39.77 28.49 34.31
C LEU B 184 -41.18 29.01 34.03
N GLN B 185 -41.33 30.31 33.99
CA GLN B 185 -42.68 30.89 33.82
C GLN B 185 -42.94 31.12 32.34
N SER B 186 -44.22 31.23 31.97
CA SER B 186 -44.61 31.45 30.58
C SER B 186 -43.92 32.69 29.97
N SER B 187 -43.54 33.67 30.82
CA SER B 187 -42.82 34.87 30.42
C SER B 187 -41.37 34.63 29.96
N GLY B 188 -40.82 33.45 30.29
CA GLY B 188 -39.43 33.11 29.99
C GLY B 188 -38.51 33.28 31.18
N LEU B 189 -39.03 33.86 32.28
CA LEU B 189 -38.28 34.14 33.51
C LEU B 189 -38.45 33.05 34.56
N TYR B 190 -37.47 32.95 35.47
CA TYR B 190 -37.47 31.94 36.51
C TYR B 190 -37.85 32.51 37.85
N SER B 191 -38.37 31.66 38.74
CA SER B 191 -38.70 32.01 40.11
C SER B 191 -38.33 30.82 41.01
N LEU B 192 -37.73 31.09 42.16
CA LEU B 192 -37.43 30.02 43.11
C LEU B 192 -37.61 30.51 44.56
N SER B 193 -37.82 29.54 45.46
CA SER B 193 -37.95 29.86 46.88
C SER B 193 -36.91 29.10 47.66
N SER B 194 -36.45 29.69 48.74
CA SER B 194 -35.49 29.08 49.64
C SER B 194 -36.11 29.19 51.02
N VAL B 195 -36.60 28.07 51.56
CA VAL B 195 -37.21 28.04 52.89
C VAL B 195 -36.18 27.52 53.92
N VAL B 196 -36.22 28.05 55.14
CA VAL B 196 -35.35 27.60 56.20
C VAL B 196 -36.21 27.31 57.43
N THR B 197 -36.15 26.07 57.89
CA THR B 197 -36.90 25.59 59.03
C THR B 197 -36.07 25.90 60.28
N VAL B 198 -36.60 26.76 61.11
CA VAL B 198 -35.91 27.22 62.30
C VAL B 198 -36.75 26.97 63.54
N PRO B 199 -36.13 26.99 64.74
CA PRO B 199 -36.94 26.84 65.95
C PRO B 199 -37.80 28.07 66.12
N SER B 200 -39.05 27.86 66.56
CA SER B 200 -39.98 28.96 66.78
C SER B 200 -39.44 29.93 67.86
N SER B 201 -38.76 29.39 68.89
CA SER B 201 -38.16 30.13 69.99
C SER B 201 -37.02 31.09 69.57
N SER B 202 -36.34 30.79 68.47
CA SER B 202 -35.26 31.63 67.93
C SER B 202 -35.78 32.93 67.29
N LEU B 203 -37.03 32.93 66.80
CA LEU B 203 -37.67 34.01 66.05
C LEU B 203 -37.51 35.44 66.61
N GLY B 204 -37.30 35.60 67.93
CA GLY B 204 -37.15 36.91 68.54
C GLY B 204 -35.72 37.38 68.80
N THR B 205 -34.76 36.44 68.76
CA THR B 205 -33.34 36.75 69.03
C THR B 205 -32.45 36.58 67.78
N GLN B 206 -32.79 35.61 66.94
CA GLN B 206 -32.03 35.30 65.75
C GLN B 206 -32.56 36.07 64.57
N THR B 207 -31.69 36.81 63.88
CA THR B 207 -32.10 37.53 62.70
C THR B 207 -31.65 36.70 61.46
N TYR B 208 -32.52 36.63 60.45
CA TYR B 208 -32.26 35.85 59.26
C TYR B 208 -32.22 36.75 58.05
N ILE B 209 -31.15 36.67 57.29
CA ILE B 209 -31.01 37.43 56.05
C ILE B 209 -30.68 36.46 54.94
N CYS B 210 -31.43 36.51 53.82
CA CYS B 210 -31.05 35.69 52.70
C CYS B 210 -30.19 36.52 51.74
N ASN B 211 -29.14 35.92 51.22
CA ASN B 211 -28.25 36.59 50.27
C ASN B 211 -28.38 35.88 48.92
N VAL B 212 -28.99 36.58 47.97
CA VAL B 212 -29.23 36.12 46.61
C VAL B 212 -28.15 36.69 45.72
N ASN B 213 -27.58 35.86 44.83
CA ASN B 213 -26.57 36.32 43.89
C ASN B 213 -26.85 35.70 42.53
N HIS B 214 -27.04 36.56 41.53
CA HIS B 214 -27.26 36.20 40.16
C HIS B 214 -26.02 36.71 39.45
N LYS B 215 -25.10 35.80 39.12
CA LYS B 215 -23.88 36.18 38.42
C LYS B 215 -24.11 36.75 37.02
N PRO B 216 -25.07 36.21 36.19
CA PRO B 216 -25.27 36.78 34.85
C PRO B 216 -25.68 38.24 34.82
N SER B 217 -26.54 38.68 35.74
CA SER B 217 -26.94 40.09 35.78
C SER B 217 -26.12 40.91 36.79
N ASN B 218 -25.06 40.31 37.41
CA ASN B 218 -24.20 40.93 38.44
C ASN B 218 -25.03 41.50 39.56
N THR B 219 -26.05 40.75 40.01
CA THR B 219 -26.94 41.22 41.05
C THR B 219 -26.71 40.46 42.36
N LYS B 220 -26.54 41.22 43.45
CA LYS B 220 -26.36 40.70 44.79
C LYS B 220 -27.35 41.43 45.67
N VAL B 221 -28.29 40.67 46.24
CA VAL B 221 -29.33 41.24 47.07
C VAL B 221 -29.36 40.53 48.43
N ASP B 222 -29.46 41.29 49.51
CA ASP B 222 -29.64 40.74 50.86
C ASP B 222 -31.05 41.11 51.32
N LYS B 223 -31.78 40.17 51.92
CA LYS B 223 -33.14 40.44 52.40
C LYS B 223 -33.44 39.90 53.78
N LYS B 224 -33.64 40.80 54.76
CA LYS B 224 -33.98 40.43 56.13
C LYS B 224 -35.36 39.80 56.18
N VAL B 225 -35.50 38.63 56.81
CA VAL B 225 -36.80 37.96 56.94
C VAL B 225 -37.22 37.94 58.39
N GLU B 226 -38.03 38.93 58.79
CA GLU B 226 -38.49 39.12 60.17
C GLU B 226 -39.93 38.65 60.35
N PRO B 227 -40.33 38.25 61.58
CA PRO B 227 -41.74 37.87 61.79
C PRO B 227 -42.69 39.03 61.46
N LYS B 228 -43.79 38.72 60.73
CA LYS B 228 -44.74 39.73 60.28
C LYS B 228 -45.24 40.66 61.42
N SER B 229 -45.01 41.97 61.24
CA SER B 229 -45.46 42.96 62.23
C SER B 229 -46.86 43.43 61.83
N CYS B 230 -47.74 43.66 62.82
CA CYS B 230 -49.13 44.05 62.50
C CYS B 230 -49.54 45.39 63.12
N TYR C 5 -36.20 1.73 10.73
CA TYR C 5 -36.16 0.63 11.69
C TYR C 5 -36.47 1.12 13.09
N GLU C 6 -37.51 0.55 13.73
CA GLU C 6 -37.90 1.03 15.06
C GLU C 6 -37.73 0.01 16.17
N LEU C 7 -37.30 0.48 17.35
CA LEU C 7 -37.18 -0.33 18.55
C LEU C 7 -38.29 0.10 19.53
N THR C 8 -39.18 -0.83 19.90
CA THR C 8 -40.32 -0.48 20.72
C THR C 8 -40.13 -1.09 22.10
N GLN C 9 -40.16 -0.23 23.13
CA GLN C 9 -39.97 -0.65 24.53
C GLN C 9 -41.14 -0.25 25.38
N PRO C 10 -41.55 -1.12 26.33
CA PRO C 10 -42.62 -0.73 27.25
C PRO C 10 -42.14 0.44 28.11
N PRO C 11 -42.94 1.50 28.23
CA PRO C 11 -42.49 2.68 28.98
C PRO C 11 -42.11 2.44 30.41
N SER C 12 -42.75 1.47 31.08
CA SER C 12 -42.49 1.22 32.52
C SER C 12 -42.50 -0.24 32.95
N VAL C 13 -41.65 -0.58 33.90
CA VAL C 13 -41.56 -1.90 34.50
C VAL C 13 -41.31 -1.67 35.99
N SER C 14 -42.06 -2.36 36.88
CA SER C 14 -41.82 -2.24 38.31
C SER C 14 -41.66 -3.59 38.96
N VAL C 15 -40.68 -3.74 39.87
CA VAL C 15 -40.37 -5.01 40.55
C VAL C 15 -40.02 -4.83 42.04
N ALA C 16 -40.08 -5.93 42.82
CA ALA C 16 -39.72 -5.98 44.24
C ALA C 16 -38.20 -6.22 44.39
N PRO C 17 -37.60 -5.71 45.49
CA PRO C 17 -36.14 -5.85 45.71
C PRO C 17 -35.44 -7.21 45.44
N GLY C 18 -36.08 -8.33 45.72
CA GLY C 18 -35.47 -9.63 45.47
C GLY C 18 -35.80 -10.23 44.12
N LYS C 19 -36.96 -9.85 43.57
CA LYS C 19 -37.48 -10.37 42.32
C LYS C 19 -36.61 -10.00 41.11
N THR C 20 -36.87 -10.68 39.99
CA THR C 20 -36.17 -10.44 38.74
C THR C 20 -37.08 -9.63 37.78
N ALA C 21 -36.48 -8.66 37.06
CA ALA C 21 -37.17 -7.76 36.14
C ALA C 21 -36.77 -8.04 34.72
N LYS C 22 -37.75 -8.10 33.80
CA LYS C 22 -37.46 -8.31 32.39
C LYS C 22 -37.84 -7.06 31.56
N ILE C 23 -36.89 -6.48 30.82
CA ILE C 23 -37.18 -5.35 29.95
C ILE C 23 -37.05 -5.80 28.51
N THR C 24 -38.17 -5.76 27.78
CA THR C 24 -38.27 -6.14 26.39
C THR C 24 -37.97 -5.01 25.43
N CYS C 25 -37.44 -5.38 24.27
CA CYS C 25 -37.08 -4.49 23.20
C CYS C 25 -37.58 -5.18 21.95
N GLY C 26 -38.68 -4.68 21.40
CA GLY C 26 -39.30 -5.21 20.19
C GLY C 26 -38.79 -4.57 18.92
N GLY C 27 -38.69 -5.39 17.88
CA GLY C 27 -38.22 -4.98 16.57
C GLY C 27 -38.38 -6.13 15.60
N ASN C 28 -38.76 -5.84 14.34
CA ASN C 28 -38.93 -6.91 13.37
C ASN C 28 -37.62 -7.52 13.01
N ASN C 29 -37.51 -8.84 13.22
CA ASN C 29 -36.30 -9.60 13.01
C ASN C 29 -35.16 -9.04 13.87
N ILE C 30 -35.48 -8.57 15.10
CA ILE C 30 -34.44 -8.07 16.00
C ILE C 30 -33.42 -9.17 16.33
N GLY C 31 -33.83 -10.43 16.23
CA GLY C 31 -32.99 -11.60 16.41
C GLY C 31 -31.79 -11.59 15.48
N SER C 32 -31.87 -10.90 14.33
CA SER C 32 -30.72 -10.80 13.40
C SER C 32 -29.82 -9.56 13.68
N TYR C 33 -30.29 -8.64 14.53
CA TYR C 33 -29.55 -7.46 14.96
C TYR C 33 -28.80 -7.75 16.26
N SER C 34 -27.71 -7.03 16.52
CA SER C 34 -26.99 -7.21 17.77
C SER C 34 -27.51 -6.11 18.69
N VAL C 35 -28.01 -6.49 19.87
CA VAL C 35 -28.57 -5.51 20.77
C VAL C 35 -27.63 -5.18 21.93
N HIS C 36 -27.42 -3.87 22.09
CA HIS C 36 -26.66 -3.27 23.17
C HIS C 36 -27.70 -2.61 24.11
N TRP C 37 -27.39 -2.49 25.40
CA TRP C 37 -28.30 -1.97 26.42
C TRP C 37 -27.60 -0.96 27.31
N TYR C 38 -28.30 0.13 27.65
CA TYR C 38 -27.79 1.21 28.46
C TYR C 38 -28.68 1.46 29.63
N GLN C 39 -28.05 1.78 30.76
CA GLN C 39 -28.71 2.13 32.00
C GLN C 39 -28.37 3.58 32.23
N GLN C 40 -29.38 4.42 32.47
CA GLN C 40 -29.15 5.82 32.71
C GLN C 40 -29.87 6.16 33.99
N LYS C 41 -29.12 6.37 35.09
CA LYS C 41 -29.74 6.76 36.36
C LYS C 41 -30.18 8.23 36.30
N PRO C 42 -31.21 8.63 37.09
CA PRO C 42 -31.71 10.01 36.98
C PRO C 42 -30.64 11.07 37.16
N GLY C 43 -30.56 11.96 36.16
CA GLY C 43 -29.60 13.05 36.11
C GLY C 43 -28.18 12.58 35.91
N GLN C 44 -28.01 11.47 35.18
CA GLN C 44 -26.70 10.86 34.93
C GLN C 44 -26.48 10.52 33.45
N ALA C 45 -25.24 10.30 33.05
CA ALA C 45 -24.94 9.88 31.68
C ALA C 45 -25.22 8.36 31.60
N PRO C 46 -25.65 7.85 30.43
CA PRO C 46 -25.88 6.38 30.32
C PRO C 46 -24.61 5.55 30.51
N VAL C 47 -24.78 4.28 30.85
CA VAL C 47 -23.72 3.30 31.09
C VAL C 47 -24.09 2.03 30.32
N LEU C 48 -23.15 1.45 29.56
CA LEU C 48 -23.34 0.22 28.78
C LEU C 48 -23.40 -1.00 29.75
N VAL C 49 -24.54 -1.75 29.83
CA VAL C 49 -24.63 -2.86 30.77
C VAL C 49 -24.69 -4.23 30.07
N ILE C 50 -25.09 -4.28 28.80
CA ILE C 50 -25.10 -5.51 28.01
C ILE C 50 -24.71 -5.11 26.59
N TYR C 51 -23.81 -5.85 25.96
CA TYR C 51 -23.44 -5.60 24.56
C TYR C 51 -23.48 -6.91 23.80
N TYR C 52 -23.89 -6.87 22.52
CA TYR C 52 -24.00 -8.05 21.67
C TYR C 52 -24.93 -9.08 22.30
N ASP C 53 -26.12 -8.61 22.67
CA ASP C 53 -27.27 -9.33 23.20
C ASP C 53 -27.10 -9.89 24.60
N SER C 54 -25.92 -10.40 24.98
CA SER C 54 -25.76 -11.10 26.27
C SER C 54 -24.43 -10.96 26.96
N ASP C 55 -23.48 -10.27 26.35
CA ASP C 55 -22.18 -10.09 26.98
C ASP C 55 -22.22 -8.92 27.92
N ARG C 56 -21.51 -9.03 29.05
CA ARG C 56 -21.44 -7.95 30.03
C ARG C 56 -20.08 -7.32 29.99
N PRO C 57 -20.01 -5.98 29.87
CA PRO C 57 -18.69 -5.33 29.91
C PRO C 57 -18.05 -5.49 31.28
N SER C 58 -16.72 -5.27 31.38
CA SER C 58 -16.03 -5.44 32.68
C SER C 58 -16.63 -4.51 33.74
N GLY C 59 -16.83 -5.05 34.94
CA GLY C 59 -17.44 -4.32 36.03
C GLY C 59 -18.96 -4.37 36.06
N ILE C 60 -19.60 -5.15 35.15
CA ILE C 60 -21.05 -5.27 35.19
C ILE C 60 -21.39 -6.58 35.90
N PRO C 61 -22.18 -6.50 36.98
CA PRO C 61 -22.51 -7.74 37.74
C PRO C 61 -23.30 -8.78 36.97
N GLU C 62 -23.13 -10.08 37.34
CA GLU C 62 -23.78 -11.24 36.73
C GLU C 62 -25.31 -11.22 36.80
N ARG C 63 -25.88 -10.39 37.69
CA ARG C 63 -27.33 -10.22 37.81
C ARG C 63 -27.94 -9.74 36.47
N PHE C 64 -27.16 -8.98 35.70
CA PHE C 64 -27.57 -8.43 34.41
C PHE C 64 -27.26 -9.44 33.34
N SER C 65 -28.27 -9.80 32.57
CA SER C 65 -28.10 -10.74 31.47
C SER C 65 -29.03 -10.32 30.32
N GLY C 66 -28.82 -10.90 29.16
CA GLY C 66 -29.64 -10.57 28.02
C GLY C 66 -29.80 -11.71 27.04
N SER C 67 -30.88 -11.64 26.30
CA SER C 67 -31.15 -12.61 25.25
C SER C 67 -31.85 -11.88 24.12
N ASN C 68 -31.75 -12.45 22.92
CA ASN C 68 -32.33 -11.85 21.75
C ASN C 68 -32.57 -12.96 20.72
N SER C 69 -33.81 -13.04 20.23
CA SER C 69 -34.25 -13.97 19.21
C SER C 69 -35.63 -13.55 18.78
N GLY C 70 -35.93 -13.83 17.52
CA GLY C 70 -37.21 -13.51 16.93
C GLY C 70 -37.43 -12.01 16.82
N ASN C 71 -38.51 -11.53 17.42
CA ASN C 71 -38.86 -10.12 17.41
C ASN C 71 -38.77 -9.48 18.84
N THR C 72 -38.03 -10.11 19.78
CA THR C 72 -37.91 -9.59 21.13
C THR C 72 -36.54 -9.82 21.78
N ALA C 73 -35.88 -8.75 22.20
CA ALA C 73 -34.64 -8.81 22.96
C ALA C 73 -35.06 -8.58 24.42
N THR C 74 -34.45 -9.27 25.36
CA THR C 74 -34.79 -9.14 26.76
C THR C 74 -33.58 -8.83 27.64
N LEU C 75 -33.71 -7.82 28.50
CA LEU C 75 -32.70 -7.51 29.49
C LEU C 75 -33.26 -8.07 30.80
N THR C 76 -32.54 -9.02 31.41
CA THR C 76 -32.99 -9.62 32.65
C THR C 76 -32.12 -9.14 33.80
N ILE C 77 -32.77 -8.58 34.83
CA ILE C 77 -32.06 -8.09 35.99
C ILE C 77 -32.49 -8.92 37.20
N SER C 78 -31.67 -9.90 37.58
CA SER C 78 -31.98 -10.74 38.73
C SER C 78 -31.65 -9.98 40.04
N ARG C 79 -32.30 -10.35 41.17
CA ARG C 79 -32.06 -9.75 42.49
C ARG C 79 -31.91 -8.21 42.46
N VAL C 80 -32.92 -7.54 41.87
CA VAL C 80 -33.00 -6.10 41.68
C VAL C 80 -32.77 -5.26 42.94
N GLU C 81 -31.67 -4.50 42.98
CA GLU C 81 -31.44 -3.58 44.09
C GLU C 81 -32.23 -2.28 43.82
N VAL C 82 -32.44 -1.48 44.86
CA VAL C 82 -33.10 -0.18 44.76
C VAL C 82 -32.28 0.76 43.83
N GLY C 83 -30.96 0.58 43.80
CA GLY C 83 -30.03 1.32 42.96
C GLY C 83 -30.11 1.00 41.49
N ASP C 84 -30.90 -0.03 41.13
CA ASP C 84 -31.15 -0.40 39.75
C ASP C 84 -32.29 0.47 39.12
N GLU C 85 -32.96 1.36 39.91
CA GLU C 85 -33.98 2.29 39.41
C GLU C 85 -33.28 3.22 38.41
N ALA C 86 -33.64 3.07 37.12
CA ALA C 86 -33.03 3.80 36.01
C ALA C 86 -33.88 3.60 34.75
N ASP C 87 -33.62 4.40 33.69
CA ASP C 87 -34.21 4.22 32.38
C ASP C 87 -33.27 3.26 31.66
N TYR C 88 -33.82 2.28 30.98
CA TYR C 88 -33.02 1.31 30.24
C TYR C 88 -33.34 1.43 28.76
N PHE C 89 -32.29 1.55 27.94
CA PHE C 89 -32.47 1.74 26.51
C PHE C 89 -31.77 0.64 25.73
N CYS C 90 -32.48 0.04 24.76
CA CYS C 90 -31.84 -0.92 23.88
C CYS C 90 -31.36 -0.14 22.65
N GLN C 91 -30.40 -0.69 21.93
CA GLN C 91 -29.82 -0.02 20.79
C GLN C 91 -29.36 -1.02 19.74
N VAL C 92 -29.52 -0.68 18.47
CA VAL C 92 -29.05 -1.47 17.33
C VAL C 92 -28.40 -0.52 16.27
N TRP C 93 -27.76 -1.09 15.27
CA TRP C 93 -27.20 -0.41 14.14
C TRP C 93 -27.92 -1.05 12.97
N ASP C 94 -28.58 -0.23 12.15
CA ASP C 94 -29.31 -0.70 10.99
C ASP C 94 -28.54 -0.24 9.79
N THR C 95 -27.92 -1.18 9.03
CA THR C 95 -27.11 -0.85 7.84
C THR C 95 -27.90 -0.33 6.66
N ASN C 96 -29.18 -0.70 6.55
CA ASN C 96 -30.00 -0.27 5.43
C ASN C 96 -30.11 1.28 5.43
N THR C 97 -30.33 1.85 6.62
CA THR C 97 -30.42 3.29 6.76
C THR C 97 -29.13 3.96 7.25
N ASP C 98 -28.07 3.20 7.61
CA ASP C 98 -26.82 3.76 8.15
C ASP C 98 -27.12 4.56 9.43
N HIS C 99 -28.01 4.02 10.28
CA HIS C 99 -28.42 4.70 11.49
C HIS C 99 -28.28 3.86 12.76
N VAL C 100 -27.85 4.51 13.86
CA VAL C 100 -27.82 3.92 15.18
C VAL C 100 -29.20 4.22 15.74
N VAL C 101 -29.97 3.17 16.06
CA VAL C 101 -31.32 3.36 16.56
C VAL C 101 -31.38 2.96 18.01
N PHE C 102 -31.93 3.84 18.86
CA PHE C 102 -32.15 3.64 20.29
C PHE C 102 -33.63 3.44 20.49
N GLY C 103 -34.00 2.57 21.43
CA GLY C 103 -35.40 2.41 21.80
C GLY C 103 -35.89 3.59 22.64
N GLY C 104 -37.20 3.68 22.83
CA GLY C 104 -37.83 4.76 23.58
C GLY C 104 -37.56 4.81 25.08
N GLY C 105 -36.98 3.74 25.62
CA GLY C 105 -36.65 3.66 27.05
C GLY C 105 -37.70 3.00 27.93
N THR C 106 -37.21 2.32 28.99
CA THR C 106 -38.09 1.70 29.98
C THR C 106 -37.67 2.15 31.37
N LYS C 107 -38.56 2.86 32.07
CA LYS C 107 -38.26 3.31 33.43
C LYS C 107 -38.46 2.15 34.41
N LEU C 108 -37.39 1.79 35.12
CA LEU C 108 -37.45 0.74 36.11
C LEU C 108 -37.74 1.39 37.46
N THR C 109 -38.88 1.01 38.05
CA THR C 109 -39.36 1.45 39.36
C THR C 109 -39.16 0.27 40.31
N VAL C 110 -38.51 0.49 41.46
CA VAL C 110 -38.34 -0.58 42.44
C VAL C 110 -39.31 -0.37 43.60
N LEU C 111 -40.15 -1.36 43.85
CA LEU C 111 -41.17 -1.33 44.90
C LEU C 111 -40.57 -1.64 46.29
N GLY C 112 -41.40 -1.63 47.33
CA GLY C 112 -40.97 -1.89 48.70
C GLY C 112 -40.63 -0.63 49.48
N GLN C 113 -40.17 0.43 48.77
CA GLN C 113 -39.78 1.72 49.33
C GLN C 113 -40.99 2.40 50.00
N PRO C 114 -40.85 2.83 51.27
CA PRO C 114 -42.00 3.37 51.99
C PRO C 114 -42.53 4.72 51.52
N LYS C 115 -43.86 4.81 51.46
CA LYS C 115 -44.57 6.01 51.04
C LYS C 115 -44.61 7.11 52.11
N ALA C 116 -44.24 8.32 51.69
CA ALA C 116 -44.25 9.47 52.58
C ALA C 116 -45.19 10.57 52.00
N ALA C 117 -46.23 10.96 52.77
CA ALA C 117 -47.12 12.02 52.31
C ALA C 117 -46.35 13.36 52.28
N PRO C 118 -46.71 14.30 51.39
CA PRO C 118 -45.94 15.55 51.33
C PRO C 118 -46.19 16.49 52.49
N SER C 119 -45.19 17.30 52.76
CA SER C 119 -45.24 18.38 53.71
C SER C 119 -45.53 19.60 52.85
N VAL C 120 -46.55 20.39 53.23
CA VAL C 120 -46.92 21.57 52.46
C VAL C 120 -46.84 22.85 53.28
N THR C 121 -46.21 23.88 52.69
CA THR C 121 -46.07 25.19 53.29
C THR C 121 -46.58 26.23 52.28
N LEU C 122 -47.59 27.02 52.64
CA LEU C 122 -48.12 28.02 51.71
C LEU C 122 -47.83 29.43 52.23
N PHE C 123 -47.09 30.23 51.43
CA PHE C 123 -46.80 31.59 51.80
C PHE C 123 -47.68 32.59 51.02
N PRO C 124 -48.38 33.48 51.73
CA PRO C 124 -49.12 34.54 51.04
C PRO C 124 -48.12 35.60 50.49
N PRO C 125 -48.58 36.61 49.74
CA PRO C 125 -47.64 37.62 49.22
C PRO C 125 -47.01 38.50 50.31
N SER C 126 -45.76 38.89 50.10
CA SER C 126 -45.06 39.78 51.01
C SER C 126 -45.59 41.19 50.82
N SER C 127 -45.57 42.00 51.89
CA SER C 127 -45.98 43.41 51.83
C SER C 127 -45.12 44.21 50.84
N GLU C 128 -43.85 43.85 50.70
CA GLU C 128 -42.95 44.47 49.77
C GLU C 128 -43.41 44.19 48.32
N GLU C 129 -43.84 42.94 48.00
CA GLU C 129 -44.33 42.59 46.67
C GLU C 129 -45.64 43.26 46.41
N LEU C 130 -46.52 43.36 47.41
CA LEU C 130 -47.80 44.05 47.25
C LEU C 130 -47.55 45.53 46.99
N GLN C 131 -46.58 46.12 47.70
CA GLN C 131 -46.19 47.52 47.48
C GLN C 131 -45.68 47.75 46.06
N ALA C 132 -45.15 46.70 45.40
CA ALA C 132 -44.70 46.76 44.01
C ALA C 132 -45.84 46.45 43.01
N ASN C 133 -47.12 46.44 43.47
CA ASN C 133 -48.36 46.15 42.75
C ASN C 133 -48.41 44.72 42.18
N LYS C 134 -47.81 43.74 42.89
CA LYS C 134 -47.84 42.34 42.45
C LYS C 134 -48.22 41.37 43.60
N ALA C 135 -48.61 40.12 43.30
CA ALA C 135 -48.97 39.15 44.35
C ALA C 135 -48.74 37.70 43.95
N THR C 136 -47.80 37.01 44.60
CA THR C 136 -47.52 35.62 44.29
C THR C 136 -47.73 34.77 45.50
N LEU C 137 -48.57 33.75 45.41
CA LEU C 137 -48.71 32.79 46.52
C LEU C 137 -47.65 31.68 46.26
N VAL C 138 -46.91 31.27 47.31
CA VAL C 138 -45.85 30.25 47.17
C VAL C 138 -46.14 28.93 47.91
N CYS C 139 -46.46 27.86 47.14
CA CYS C 139 -46.75 26.53 47.71
C CYS C 139 -45.54 25.62 47.66
N LEU C 140 -44.91 25.35 48.81
CA LEU C 140 -43.73 24.50 48.88
C LEU C 140 -44.10 23.08 49.36
N ILE C 141 -43.77 22.10 48.53
CA ILE C 141 -44.12 20.68 48.70
C ILE C 141 -42.83 19.90 48.83
N SER C 142 -42.68 19.10 49.88
CA SER C 142 -41.44 18.38 50.13
C SER C 142 -41.64 17.08 50.92
N ASP C 143 -40.60 16.24 50.96
CA ASP C 143 -40.56 14.97 51.65
C ASP C 143 -41.64 13.96 51.20
N PHE C 144 -41.89 13.87 49.88
CA PHE C 144 -42.87 12.91 49.37
C PHE C 144 -42.25 11.80 48.55
N TYR C 145 -42.77 10.58 48.68
CA TYR C 145 -42.35 9.36 47.97
C TYR C 145 -43.61 8.51 47.83
N PRO C 146 -44.02 7.95 46.64
CA PRO C 146 -43.34 7.75 45.34
C PRO C 146 -42.67 8.85 44.52
N GLY C 147 -42.94 10.13 44.76
CA GLY C 147 -42.25 11.16 43.99
C GLY C 147 -43.04 11.74 42.85
N ALA C 148 -44.35 11.82 43.03
CA ALA C 148 -45.24 12.38 42.04
C ALA C 148 -46.49 12.97 42.70
N VAL C 149 -46.78 14.27 42.43
CA VAL C 149 -47.95 14.96 42.95
C VAL C 149 -48.75 15.70 41.87
N THR C 150 -50.02 16.00 42.17
CA THR C 150 -50.90 16.84 41.34
C THR C 150 -51.29 18.05 42.24
N VAL C 151 -51.19 19.28 41.71
CA VAL C 151 -51.46 20.47 42.50
C VAL C 151 -52.65 21.26 42.03
N ALA C 152 -53.65 21.45 42.89
CA ALA C 152 -54.82 22.24 42.55
C ALA C 152 -54.99 23.45 43.48
N TRP C 153 -55.09 24.65 42.93
CA TRP C 153 -55.33 25.86 43.71
C TRP C 153 -56.82 26.18 43.73
N LYS C 154 -57.26 26.93 44.74
CA LYS C 154 -58.65 27.36 44.84
C LYS C 154 -58.75 28.80 45.34
N ALA C 155 -59.81 29.48 44.94
CA ALA C 155 -60.08 30.84 45.39
C ALA C 155 -61.52 30.79 45.84
N ASP C 156 -61.77 30.72 47.16
CA ASP C 156 -63.13 30.60 47.72
C ASP C 156 -63.84 29.37 47.11
N SER C 157 -63.18 28.21 47.17
CA SER C 157 -63.70 26.95 46.64
C SER C 157 -63.77 26.86 45.10
N SER C 158 -63.70 28.00 44.37
CA SER C 158 -63.73 27.91 42.90
C SER C 158 -62.31 27.66 42.40
N PRO C 159 -62.13 26.64 41.54
CA PRO C 159 -60.77 26.29 41.07
C PRO C 159 -60.06 27.39 40.31
N VAL C 160 -58.74 27.45 40.41
CA VAL C 160 -57.95 28.48 39.77
C VAL C 160 -56.83 27.82 38.97
N LYS C 161 -56.76 28.07 37.64
CA LYS C 161 -55.70 27.50 36.83
C LYS C 161 -54.85 28.56 36.09
N ALA C 162 -55.40 29.74 35.92
CA ALA C 162 -54.70 30.84 35.29
C ALA C 162 -53.73 31.40 36.30
N GLY C 163 -52.52 31.69 35.87
CA GLY C 163 -51.49 32.22 36.74
C GLY C 163 -50.79 31.17 37.54
N VAL C 164 -50.95 29.87 37.22
CA VAL C 164 -50.33 28.80 37.98
C VAL C 164 -49.08 28.19 37.29
N GLU C 165 -47.94 28.17 37.98
CA GLU C 165 -46.72 27.56 37.46
C GLU C 165 -46.29 26.50 38.45
N THR C 166 -46.20 25.24 38.03
CA THR C 166 -45.83 24.14 38.90
C THR C 166 -44.59 23.43 38.38
N THR C 167 -43.64 23.11 39.26
CA THR C 167 -42.41 22.44 38.85
C THR C 167 -42.56 20.90 38.79
N THR C 168 -41.64 20.27 38.05
CA THR C 168 -41.53 18.83 37.99
C THR C 168 -40.94 18.39 39.33
N PRO C 169 -41.19 17.15 39.76
CA PRO C 169 -40.61 16.67 41.04
C PRO C 169 -39.08 16.60 40.97
N SER C 170 -38.40 16.73 42.12
CA SER C 170 -36.95 16.69 42.17
C SER C 170 -36.49 15.83 43.28
N LYS C 171 -35.50 14.97 43.04
CA LYS C 171 -34.97 14.11 44.08
C LYS C 171 -34.19 14.93 45.10
N GLN C 172 -34.48 14.73 46.39
CA GLN C 172 -33.79 15.44 47.45
C GLN C 172 -32.59 14.60 47.96
N SER C 173 -31.71 15.23 48.76
CA SER C 173 -30.57 14.55 49.34
C SER C 173 -30.98 13.31 50.15
N ASN C 174 -32.20 13.32 50.70
CA ASN C 174 -32.67 12.21 51.52
C ASN C 174 -33.44 11.14 50.77
N ASN C 175 -33.45 11.21 49.42
CA ASN C 175 -34.14 10.30 48.51
C ASN C 175 -35.66 10.48 48.43
N LYS C 176 -36.20 11.49 49.15
CA LYS C 176 -37.61 11.84 49.03
C LYS C 176 -37.68 12.93 47.94
N TYR C 177 -38.87 13.39 47.56
CA TYR C 177 -38.99 14.32 46.44
C TYR C 177 -39.56 15.68 46.80
N ALA C 178 -39.37 16.68 45.91
CA ALA C 178 -39.81 18.03 46.20
C ALA C 178 -40.36 18.73 44.99
N ALA C 179 -41.31 19.63 45.20
CA ALA C 179 -41.96 20.39 44.14
C ALA C 179 -42.45 21.73 44.71
N SER C 180 -42.70 22.69 43.83
CA SER C 180 -43.19 23.98 44.23
C SER C 180 -44.18 24.52 43.20
N SER C 181 -45.21 25.23 43.68
CA SER C 181 -46.23 25.75 42.80
C SER C 181 -46.49 27.21 43.14
N TYR C 182 -46.67 28.01 42.12
CA TYR C 182 -46.88 29.44 42.28
C TYR C 182 -48.18 29.88 41.67
N LEU C 183 -48.82 30.82 42.32
CA LEU C 183 -50.04 31.40 41.84
C LEU C 183 -49.83 32.90 41.74
N SER C 184 -49.65 33.40 40.53
CA SER C 184 -49.42 34.86 40.36
C SER C 184 -50.77 35.53 40.12
N LEU C 185 -51.15 36.42 41.02
CA LEU C 185 -52.41 37.17 40.83
C LEU C 185 -52.14 38.66 41.02
N THR C 186 -53.20 39.45 40.93
CA THR C 186 -53.06 40.91 41.10
C THR C 186 -53.32 41.23 42.58
N PRO C 187 -52.81 42.32 43.19
CA PRO C 187 -53.12 42.58 44.61
C PRO C 187 -54.61 42.72 44.85
N GLU C 188 -55.37 43.22 43.87
CA GLU C 188 -56.82 43.42 43.94
C GLU C 188 -57.50 42.06 44.01
N GLN C 189 -57.08 41.12 43.14
CA GLN C 189 -57.55 39.73 43.16
C GLN C 189 -57.26 39.07 44.52
N TRP C 190 -56.04 39.32 45.06
CA TRP C 190 -55.60 38.78 46.35
C TRP C 190 -56.51 39.22 47.49
N LYS C 191 -56.77 40.54 47.59
CA LYS C 191 -57.62 41.15 48.61
C LYS C 191 -59.12 40.91 48.40
N SER C 192 -59.54 40.51 47.20
CA SER C 192 -60.95 40.29 46.92
C SER C 192 -61.51 39.04 47.58
N HIS C 193 -60.70 37.97 47.64
CA HIS C 193 -61.16 36.69 48.15
C HIS C 193 -60.95 36.51 49.63
N ARG C 194 -61.72 35.61 50.21
CA ARG C 194 -61.66 35.32 51.62
C ARG C 194 -60.47 34.42 51.90
N SER C 195 -60.26 33.40 51.06
CA SER C 195 -59.17 32.44 51.27
C SER C 195 -58.65 31.89 49.97
N TYR C 196 -57.45 31.35 50.03
CA TYR C 196 -56.82 30.71 48.88
C TYR C 196 -56.24 29.39 49.37
N SER C 197 -56.41 28.31 48.62
CA SER C 197 -55.90 27.00 49.04
C SER C 197 -54.99 26.38 48.03
N CYS C 198 -54.03 25.63 48.50
CA CYS C 198 -53.13 24.86 47.67
C CYS C 198 -53.38 23.42 48.08
N GLN C 199 -53.95 22.62 47.20
CA GLN C 199 -54.23 21.22 47.44
C GLN C 199 -53.20 20.33 46.74
N VAL C 200 -52.49 19.49 47.50
CA VAL C 200 -51.50 18.57 46.96
C VAL C 200 -52.00 17.14 47.07
N THR C 201 -52.12 16.45 45.93
CA THR C 201 -52.56 15.05 45.92
C THR C 201 -51.31 14.20 45.64
N HIS C 202 -51.12 13.11 46.38
CA HIS C 202 -49.89 12.35 46.27
C HIS C 202 -50.09 10.96 45.67
N GLU C 203 -50.88 10.14 46.37
CA GLU C 203 -51.23 8.84 45.87
C GLU C 203 -52.75 9.01 45.69
N GLY C 204 -53.50 8.90 46.78
CA GLY C 204 -54.93 9.15 46.74
C GLY C 204 -55.40 10.09 47.82
N SER C 205 -54.46 10.76 48.50
CA SER C 205 -54.73 11.61 49.65
C SER C 205 -54.34 13.04 49.36
N THR C 206 -55.22 13.98 49.72
CA THR C 206 -54.92 15.39 49.52
C THR C 206 -54.53 16.06 50.82
N VAL C 207 -53.44 16.83 50.76
CA VAL C 207 -52.93 17.65 51.85
C VAL C 207 -53.24 19.11 51.44
N GLU C 208 -53.98 19.85 52.26
CA GLU C 208 -54.38 21.21 51.91
C GLU C 208 -53.82 22.26 52.87
N LYS C 209 -53.42 23.42 52.34
CA LYS C 209 -52.98 24.55 53.15
C LYS C 209 -53.76 25.79 52.67
N THR C 210 -54.31 26.56 53.62
CA THR C 210 -55.11 27.74 53.30
C THR C 210 -54.54 29.04 53.85
N VAL C 211 -54.50 30.07 53.02
CA VAL C 211 -53.96 31.37 53.40
C VAL C 211 -55.05 32.46 53.13
N ALA C 212 -55.20 33.43 54.03
CA ALA C 212 -56.23 34.47 53.88
C ALA C 212 -55.63 35.87 53.84
N PRO C 213 -56.16 36.75 52.98
CA PRO C 213 -55.61 38.13 52.91
C PRO C 213 -55.73 38.96 54.20
N THR C 214 -56.65 38.54 55.08
CA THR C 214 -56.96 39.15 56.38
C THR C 214 -56.16 38.47 57.50
N GLU C 215 -54.93 38.01 57.22
CA GLU C 215 -54.11 37.34 58.24
C GLU C 215 -52.80 38.10 58.52
N CYS C 216 -52.32 38.01 59.77
CA CYS C 216 -51.06 38.57 60.28
C CYS C 216 -50.70 37.93 61.63
N GLN D 6 12.86 -5.12 -13.46
CA GLN D 6 13.42 -5.40 -14.78
C GLN D 6 14.74 -4.63 -15.04
N VAL D 7 15.89 -5.33 -14.99
CA VAL D 7 17.18 -4.68 -15.20
C VAL D 7 17.43 -4.53 -16.67
N GLN D 8 17.57 -3.27 -17.15
CA GLN D 8 17.77 -3.03 -18.56
C GLN D 8 18.60 -1.79 -18.90
N LEU D 9 19.01 -1.71 -20.17
CA LEU D 9 19.75 -0.53 -20.69
C LEU D 9 19.14 -0.26 -22.05
N VAL D 10 18.52 0.90 -22.25
CA VAL D 10 17.87 1.23 -23.55
C VAL D 10 18.72 2.28 -24.25
N GLN D 11 19.12 2.01 -25.49
CA GLN D 11 20.04 2.94 -26.21
C GLN D 11 19.29 3.75 -27.25
N SER D 12 19.83 4.90 -27.64
CA SER D 12 19.27 5.73 -28.70
C SER D 12 19.30 4.97 -30.07
N GLY D 13 18.47 5.40 -31.01
CA GLY D 13 18.32 4.75 -32.32
C GLY D 13 19.48 4.87 -33.28
N ALA D 14 19.32 4.26 -34.48
CA ALA D 14 20.33 4.26 -35.54
C ALA D 14 20.80 5.66 -35.92
N GLU D 15 22.05 5.76 -36.43
CA GLU D 15 22.61 7.07 -36.74
C GLU D 15 23.49 7.05 -37.95
N VAL D 16 23.25 8.00 -38.86
CA VAL D 16 24.09 8.12 -40.06
C VAL D 16 24.88 9.43 -40.01
N LYS D 17 26.21 9.33 -39.96
CA LYS D 17 27.06 10.52 -39.85
C LYS D 17 28.09 10.55 -40.97
N LYS D 18 28.41 11.75 -41.46
CA LYS D 18 29.39 12.00 -42.52
C LYS D 18 30.82 11.94 -41.93
N PRO D 19 31.85 11.55 -42.70
CA PRO D 19 33.22 11.51 -42.14
C PRO D 19 33.70 12.85 -41.62
N GLY D 20 34.28 12.84 -40.43
CA GLY D 20 34.74 14.04 -39.74
C GLY D 20 33.73 14.62 -38.77
N ALA D 21 32.60 13.92 -38.55
CA ALA D 21 31.51 14.38 -37.68
C ALA D 21 31.53 13.69 -36.29
N SER D 22 30.66 14.09 -35.35
CA SER D 22 30.59 13.44 -34.04
C SER D 22 29.27 12.67 -33.85
N VAL D 23 29.31 11.62 -33.04
CA VAL D 23 28.13 10.83 -32.73
C VAL D 23 27.86 10.86 -31.23
N ARG D 24 26.58 10.85 -30.86
CA ARG D 24 26.20 10.92 -29.44
C ARG D 24 25.21 9.81 -29.12
N VAL D 25 25.70 8.67 -28.65
CA VAL D 25 24.86 7.52 -28.30
C VAL D 25 24.48 7.61 -26.82
N SER D 26 23.19 7.45 -26.49
CA SER D 26 22.75 7.47 -25.11
C SER D 26 22.46 6.04 -24.62
N CYS D 27 22.45 5.85 -23.30
CA CYS D 27 22.25 4.54 -22.69
C CYS D 27 21.52 4.74 -21.35
N LYS D 28 20.18 4.60 -21.34
CA LYS D 28 19.34 4.79 -20.14
C LYS D 28 19.17 3.50 -19.33
N ALA D 29 19.50 3.54 -18.02
CA ALA D 29 19.44 2.41 -17.11
C ALA D 29 18.17 2.34 -16.25
N SER D 30 17.68 1.11 -16.01
CA SER D 30 16.49 0.88 -15.18
C SER D 30 16.62 -0.40 -14.36
N GLY D 31 15.93 -0.46 -13.22
CA GLY D 31 15.90 -1.66 -12.40
C GLY D 31 17.08 -1.86 -11.47
N TYR D 32 18.02 -0.91 -11.44
CA TYR D 32 19.18 -1.00 -10.55
C TYR D 32 19.65 0.37 -10.07
N THR D 33 20.55 0.40 -9.07
CA THR D 33 21.10 1.68 -8.60
C THR D 33 22.25 2.05 -9.52
N PHE D 34 21.97 2.94 -10.47
CA PHE D 34 22.93 3.46 -11.45
C PHE D 34 24.27 3.91 -10.83
N THR D 35 24.20 4.70 -9.75
CA THR D 35 25.38 5.25 -9.06
C THR D 35 26.21 4.24 -8.28
N SER D 36 25.76 2.99 -8.21
CA SER D 36 26.49 1.91 -7.55
C SER D 36 27.28 1.06 -8.57
N TYR D 37 27.11 1.27 -9.89
CA TYR D 37 27.82 0.51 -10.90
C TYR D 37 28.56 1.45 -11.89
N GLY D 38 28.91 0.92 -13.05
CA GLY D 38 29.56 1.64 -14.14
C GLY D 38 29.04 1.16 -15.49
N ILE D 39 29.36 1.91 -16.55
CA ILE D 39 28.95 1.56 -17.91
C ILE D 39 30.19 1.38 -18.82
N SER D 40 30.26 0.23 -19.51
CA SER D 40 31.34 -0.01 -20.46
C SER D 40 30.79 0.07 -21.87
N TRP D 41 31.59 0.58 -22.82
CA TRP D 41 31.14 0.68 -24.20
C TRP D 41 31.95 -0.24 -25.12
N VAL D 42 31.25 -1.09 -25.89
CA VAL D 42 31.90 -2.07 -26.78
C VAL D 42 31.20 -2.03 -28.14
N ARG D 43 31.98 -2.05 -29.22
CA ARG D 43 31.42 -2.01 -30.58
C ARG D 43 31.75 -3.27 -31.38
N GLN D 44 31.13 -3.41 -32.56
CA GLN D 44 31.34 -4.55 -33.41
C GLN D 44 31.19 -4.08 -34.84
N ALA D 45 32.31 -3.91 -35.57
CA ALA D 45 32.22 -3.52 -36.99
C ALA D 45 31.48 -4.63 -37.78
N PRO D 46 30.69 -4.30 -38.83
CA PRO D 46 29.98 -5.35 -39.59
C PRO D 46 30.78 -6.63 -39.92
N GLY D 47 30.25 -7.76 -39.43
CA GLY D 47 30.82 -9.09 -39.62
C GLY D 47 32.12 -9.35 -38.89
N GLN D 48 32.44 -8.50 -37.90
CA GLN D 48 33.68 -8.61 -37.14
C GLN D 48 33.43 -8.94 -35.64
N GLY D 49 34.51 -9.05 -34.87
CA GLY D 49 34.43 -9.38 -33.46
C GLY D 49 34.14 -8.19 -32.56
N LEU D 50 34.22 -8.40 -31.23
CA LEU D 50 33.90 -7.34 -30.27
C LEU D 50 35.10 -6.51 -29.90
N GLU D 51 34.93 -5.19 -29.80
CA GLU D 51 36.03 -4.30 -29.47
C GLU D 51 35.62 -3.39 -28.34
N TRP D 52 36.42 -3.35 -27.27
CA TRP D 52 36.12 -2.50 -26.12
C TRP D 52 36.65 -1.08 -26.35
N MET D 53 35.84 -0.09 -25.99
CA MET D 53 36.17 1.32 -26.22
C MET D 53 36.42 2.10 -24.95
N GLY D 54 35.68 1.78 -23.90
CA GLY D 54 35.81 2.50 -22.66
C GLY D 54 34.97 2.05 -21.50
N TRP D 55 35.07 2.81 -20.42
CA TRP D 55 34.35 2.56 -19.22
C TRP D 55 34.14 3.89 -18.46
N ILE D 56 33.03 4.01 -17.75
CA ILE D 56 32.76 5.17 -16.92
C ILE D 56 32.08 4.71 -15.64
N SER D 57 32.34 5.40 -14.53
CA SER D 57 31.76 5.03 -13.25
C SER D 57 30.51 5.89 -13.01
N GLY D 58 29.41 5.25 -12.62
CA GLY D 58 28.18 5.98 -12.28
C GLY D 58 28.25 6.61 -10.90
N TYR D 59 29.24 6.17 -10.10
CA TYR D 59 29.55 6.60 -8.75
C TYR D 59 30.34 7.91 -8.71
N ASP D 60 31.37 8.06 -9.57
CA ASP D 60 32.20 9.26 -9.53
C ASP D 60 32.62 9.83 -10.90
N GLY D 61 32.12 9.27 -11.99
CA GLY D 61 32.42 9.75 -13.33
C GLY D 61 33.83 9.50 -13.83
N ASN D 62 34.57 8.61 -13.16
CA ASN D 62 35.90 8.25 -13.59
C ASN D 62 35.80 7.42 -14.85
N THR D 63 36.59 7.80 -15.88
CA THR D 63 36.61 7.15 -17.19
C THR D 63 37.93 6.48 -17.52
N ASN D 64 37.90 5.45 -18.38
CA ASN D 64 39.05 4.69 -18.89
C ASN D 64 38.77 4.38 -20.36
N TYR D 65 39.47 5.06 -21.28
CA TYR D 65 39.29 4.87 -22.71
C TYR D 65 40.33 3.93 -23.31
N ALA D 66 40.01 3.26 -24.44
CA ALA D 66 40.96 2.40 -25.14
C ALA D 66 42.02 3.30 -25.80
N GLN D 67 43.27 2.83 -25.98
CA GLN D 67 44.31 3.68 -26.57
C GLN D 67 44.00 4.11 -28.01
N LYS D 68 43.35 3.22 -28.79
CA LYS D 68 42.91 3.45 -30.17
C LYS D 68 41.98 4.66 -30.27
N LEU D 69 41.13 4.86 -29.25
CA LEU D 69 40.14 5.93 -29.18
C LEU D 69 40.55 7.11 -28.27
N GLN D 70 41.80 7.13 -27.80
CA GLN D 70 42.27 8.20 -26.92
C GLN D 70 42.34 9.53 -27.68
N GLY D 71 41.67 10.54 -27.13
CA GLY D 71 41.61 11.86 -27.75
C GLY D 71 40.58 11.95 -28.85
N ARG D 72 39.57 11.09 -28.81
CA ARG D 72 38.49 11.07 -29.78
C ARG D 72 37.17 10.70 -29.07
N VAL D 73 37.22 9.81 -28.06
CA VAL D 73 36.02 9.41 -27.34
C VAL D 73 35.93 10.09 -25.96
N THR D 74 34.69 10.45 -25.59
CA THR D 74 34.37 11.10 -24.32
C THR D 74 33.08 10.51 -23.78
N MET D 75 33.16 9.64 -22.77
CA MET D 75 31.90 9.15 -22.17
C MET D 75 31.56 9.98 -20.93
N THR D 76 30.30 10.42 -20.83
CA THR D 76 29.84 11.19 -19.67
C THR D 76 28.68 10.44 -19.01
N THR D 77 28.06 11.04 -18.00
CA THR D 77 26.93 10.38 -17.29
C THR D 77 25.99 11.44 -16.72
N ASP D 78 24.76 11.06 -16.40
CA ASP D 78 23.78 11.98 -15.79
C ASP D 78 23.05 11.21 -14.70
N THR D 79 23.48 11.38 -13.44
CA THR D 79 22.86 10.65 -12.34
C THR D 79 21.37 10.90 -12.24
N SER D 80 20.91 12.10 -12.64
CA SER D 80 19.49 12.48 -12.53
C SER D 80 18.58 11.57 -13.34
N THR D 81 18.97 11.27 -14.60
CA THR D 81 18.17 10.42 -15.48
C THR D 81 18.68 8.99 -15.62
N SER D 82 19.77 8.63 -14.91
CA SER D 82 20.42 7.32 -15.00
C SER D 82 20.84 7.04 -16.45
N THR D 83 21.39 8.05 -17.15
CA THR D 83 21.80 7.88 -18.55
C THR D 83 23.31 8.00 -18.69
N ALA D 84 23.88 7.19 -19.59
CA ALA D 84 25.31 7.19 -19.90
C ALA D 84 25.47 7.58 -21.36
N TYR D 85 26.32 8.56 -21.63
CA TYR D 85 26.54 9.02 -23.01
C TYR D 85 27.87 8.59 -23.54
N MET D 86 27.93 8.43 -24.85
CA MET D 86 29.14 8.05 -25.55
C MET D 86 29.26 9.04 -26.69
N GLU D 87 30.33 9.84 -26.68
CA GLU D 87 30.54 10.80 -27.74
C GLU D 87 31.85 10.53 -28.45
N LEU D 88 31.74 10.14 -29.73
CA LEU D 88 32.90 9.86 -30.57
C LEU D 88 32.94 10.86 -31.73
N ARG D 89 33.97 11.72 -31.75
CA ARG D 89 34.12 12.75 -32.77
C ARG D 89 35.22 12.40 -33.79
N SER D 90 35.39 13.21 -34.84
CA SER D 90 36.36 12.89 -35.93
C SER D 90 36.06 11.49 -36.47
N LEU D 91 34.82 11.26 -36.92
CA LEU D 91 34.38 9.90 -37.35
C LEU D 91 35.04 9.47 -38.65
N ARG D 92 35.42 8.19 -38.75
CA ARG D 92 36.06 7.66 -39.98
C ARG D 92 35.25 6.47 -40.51
N SER D 93 35.45 6.09 -41.79
CA SER D 93 34.72 4.96 -42.40
C SER D 93 34.72 3.69 -41.54
N ASP D 94 35.89 3.37 -40.93
CA ASP D 94 36.07 2.22 -40.06
C ASP D 94 35.38 2.34 -38.69
N ASP D 95 34.62 3.43 -38.45
CA ASP D 95 33.81 3.61 -37.23
C ASP D 95 32.40 3.06 -37.39
N THR D 96 32.06 2.45 -38.54
CA THR D 96 30.75 1.87 -38.77
C THR D 96 30.72 0.63 -37.90
N ALA D 97 29.76 0.57 -36.97
CA ALA D 97 29.65 -0.53 -36.04
C ALA D 97 28.33 -0.47 -35.24
N VAL D 98 27.97 -1.56 -34.57
CA VAL D 98 26.88 -1.55 -33.64
C VAL D 98 27.60 -1.23 -32.34
N TYR D 99 27.26 -0.12 -31.72
CA TYR D 99 27.86 0.29 -30.46
C TYR D 99 26.94 -0.21 -29.35
N TYR D 100 27.47 -0.94 -28.37
CA TYR D 100 26.70 -1.47 -27.25
C TYR D 100 27.15 -0.87 -25.90
N CYS D 101 26.22 -0.69 -24.95
CA CYS D 101 26.59 -0.28 -23.60
C CYS D 101 26.28 -1.45 -22.63
N ALA D 102 27.15 -1.68 -21.63
CA ALA D 102 26.99 -2.81 -20.71
C ALA D 102 27.28 -2.45 -19.26
N ARG D 103 26.56 -3.08 -18.31
CA ARG D 103 26.76 -2.79 -16.90
C ARG D 103 28.06 -3.42 -16.44
N ASP D 104 28.84 -2.66 -15.69
CA ASP D 104 30.13 -3.08 -15.21
C ASP D 104 30.30 -2.62 -13.77
N GLY D 105 31.42 -2.97 -13.14
CA GLY D 105 31.71 -2.52 -11.78
C GLY D 105 31.93 -1.02 -11.68
N PRO D 106 31.84 -0.48 -10.46
CA PRO D 106 31.97 0.98 -10.31
C PRO D 106 33.40 1.51 -10.19
N GLN D 107 34.40 0.64 -9.99
CA GLN D 107 35.79 1.09 -9.77
C GLN D 107 36.85 0.26 -10.53
N VAL D 108 36.72 0.21 -11.87
CA VAL D 108 37.64 -0.60 -12.71
C VAL D 108 39.05 -0.01 -12.72
N GLY D 109 39.18 1.31 -12.66
CA GLY D 109 40.52 1.89 -12.61
C GLY D 109 41.29 1.40 -11.39
N ASP D 110 40.69 1.64 -10.20
CA ASP D 110 41.15 1.27 -8.85
C ASP D 110 41.82 -0.10 -8.80
N PHE D 111 43.00 -0.17 -8.22
CA PHE D 111 43.77 -1.41 -8.18
C PHE D 111 43.13 -2.46 -7.26
N ASP D 112 43.24 -3.73 -7.65
CA ASP D 112 42.63 -4.85 -6.94
C ASP D 112 41.11 -4.80 -6.96
N TRP D 113 40.51 -4.15 -7.97
CA TRP D 113 39.06 -3.98 -8.09
C TRP D 113 38.28 -5.28 -8.22
N GLN D 114 38.87 -6.24 -8.89
CA GLN D 114 38.27 -7.54 -9.14
C GLN D 114 38.00 -8.35 -7.87
N VAL D 115 38.70 -8.03 -6.78
CA VAL D 115 38.52 -8.68 -5.48
C VAL D 115 37.21 -8.20 -4.79
N TYR D 116 36.77 -6.97 -5.09
CA TYR D 116 35.56 -6.43 -4.50
C TYR D 116 34.34 -6.52 -5.44
N TYR D 117 34.54 -6.79 -6.73
CA TYR D 117 33.47 -6.98 -7.71
C TYR D 117 34.13 -7.75 -8.85
N TYR D 118 33.96 -9.08 -8.87
CA TYR D 118 34.62 -9.93 -9.85
C TYR D 118 33.79 -10.23 -11.13
N TYR D 119 32.59 -9.67 -11.24
CA TYR D 119 31.71 -9.93 -12.37
C TYR D 119 32.14 -9.28 -13.70
N GLY D 120 31.71 -9.89 -14.81
CA GLY D 120 31.96 -9.34 -16.14
C GLY D 120 30.91 -8.31 -16.53
N MET D 121 30.78 -7.95 -17.82
CA MET D 121 29.75 -6.98 -18.24
C MET D 121 28.46 -7.79 -18.35
N ASP D 122 27.63 -7.73 -17.30
CA ASP D 122 26.48 -8.61 -17.11
C ASP D 122 25.12 -8.17 -17.64
N VAL D 123 24.96 -6.92 -18.07
CA VAL D 123 23.68 -6.47 -18.62
C VAL D 123 24.01 -5.63 -19.83
N TRP D 124 23.45 -5.96 -21.02
CA TRP D 124 23.72 -5.16 -22.21
C TRP D 124 22.53 -4.43 -22.79
N GLY D 125 22.78 -3.27 -23.39
CA GLY D 125 21.78 -2.54 -24.15
C GLY D 125 21.55 -3.23 -25.49
N GLN D 126 20.47 -2.88 -26.19
CA GLN D 126 20.13 -3.48 -27.49
C GLN D 126 21.12 -3.18 -28.64
N GLY D 127 22.01 -2.23 -28.43
CA GLY D 127 22.95 -1.84 -29.47
C GLY D 127 22.42 -0.67 -30.27
N THR D 128 23.34 0.12 -30.85
CA THR D 128 23.02 1.28 -31.66
C THR D 128 23.84 1.20 -32.91
N THR D 129 23.16 1.04 -34.05
CA THR D 129 23.79 1.00 -35.34
C THR D 129 24.29 2.41 -35.71
N VAL D 130 25.60 2.54 -35.87
CA VAL D 130 26.20 3.80 -36.28
C VAL D 130 26.88 3.60 -37.64
N THR D 131 26.42 4.30 -38.69
CA THR D 131 27.04 4.18 -40.00
C THR D 131 27.81 5.44 -40.39
N VAL D 132 29.10 5.32 -40.69
CA VAL D 132 29.88 6.47 -41.14
C VAL D 132 30.03 6.39 -42.62
N SER D 133 29.70 7.48 -43.35
CA SER D 133 29.80 7.44 -44.80
C SER D 133 29.73 8.80 -45.49
N SER D 134 30.38 8.91 -46.65
CA SER D 134 30.31 10.12 -47.47
C SER D 134 29.00 10.13 -48.30
N ALA D 135 28.35 8.95 -48.48
CA ALA D 135 27.15 8.73 -49.27
C ALA D 135 25.92 9.51 -48.83
N SER D 136 25.04 9.80 -49.82
CA SER D 136 23.77 10.52 -49.62
C SER D 136 22.58 9.53 -49.65
N THR D 137 21.44 9.89 -49.01
CA THR D 137 20.24 9.03 -48.98
C THR D 137 19.72 8.75 -50.41
N LYS D 138 19.37 7.49 -50.68
CA LYS D 138 18.88 7.05 -51.98
C LYS D 138 18.02 5.79 -51.80
N GLY D 139 16.85 5.80 -52.42
CA GLY D 139 15.94 4.65 -52.43
C GLY D 139 16.43 3.60 -53.40
N PRO D 140 16.20 2.31 -53.10
CA PRO D 140 16.72 1.25 -53.97
C PRO D 140 15.99 1.09 -55.29
N SER D 141 16.70 0.58 -56.29
CA SER D 141 16.11 0.30 -57.59
C SER D 141 15.87 -1.22 -57.56
N VAL D 142 14.60 -1.62 -57.60
CA VAL D 142 14.24 -3.03 -57.51
C VAL D 142 14.11 -3.67 -58.89
N PHE D 143 14.97 -4.64 -59.17
CA PHE D 143 14.99 -5.32 -60.44
C PHE D 143 14.56 -6.74 -60.26
N PRO D 144 13.70 -7.26 -61.14
CA PRO D 144 13.28 -8.66 -61.01
C PRO D 144 14.41 -9.65 -61.35
N LEU D 145 14.33 -10.82 -60.75
CA LEU D 145 15.23 -11.92 -61.03
C LEU D 145 14.29 -13.02 -61.49
N ALA D 146 13.94 -12.94 -62.78
CA ALA D 146 12.95 -13.73 -63.48
C ALA D 146 13.31 -15.15 -63.85
N PRO D 147 12.43 -16.11 -63.53
CA PRO D 147 12.67 -17.49 -63.96
C PRO D 147 12.34 -17.71 -65.43
N SER D 148 12.75 -18.84 -65.99
CA SER D 148 12.46 -19.18 -67.38
C SER D 148 12.31 -20.71 -67.51
N SER D 149 11.92 -21.25 -68.70
CA SER D 149 11.80 -22.70 -68.87
C SER D 149 13.16 -23.37 -68.55
N LYS D 150 14.27 -22.78 -69.07
CA LYS D 150 15.64 -23.17 -68.73
C LYS D 150 15.95 -22.68 -67.31
N SER D 151 17.02 -23.18 -66.68
CA SER D 151 17.37 -22.76 -65.29
C SER D 151 16.17 -22.90 -64.30
N THR D 152 15.80 -24.16 -64.05
CA THR D 152 14.76 -24.68 -63.17
C THR D 152 15.29 -26.07 -62.81
N SER D 153 15.89 -26.22 -61.62
CA SER D 153 16.46 -27.47 -61.11
C SER D 153 15.31 -28.42 -60.78
N GLY D 154 15.12 -29.45 -61.60
CA GLY D 154 14.01 -30.39 -61.42
C GLY D 154 12.69 -29.67 -61.59
N GLY D 155 11.83 -29.80 -60.59
CA GLY D 155 10.55 -29.10 -60.60
C GLY D 155 10.54 -27.85 -59.74
N THR D 156 11.71 -27.39 -59.29
CA THR D 156 11.80 -26.22 -58.43
C THR D 156 12.40 -25.08 -59.22
N ALA D 157 11.67 -23.98 -59.26
CA ALA D 157 12.10 -22.79 -59.95
C ALA D 157 12.53 -21.73 -58.94
N ALA D 158 13.45 -20.84 -59.34
CA ALA D 158 13.86 -19.76 -58.45
C ALA D 158 13.57 -18.42 -59.08
N LEU D 159 13.18 -17.49 -58.27
CA LEU D 159 12.92 -16.12 -58.67
C LEU D 159 13.28 -15.25 -57.50
N GLY D 160 13.57 -13.99 -57.76
CA GLY D 160 13.97 -13.07 -56.70
C GLY D 160 13.85 -11.61 -57.05
N CYS D 161 14.53 -10.76 -56.29
CA CYS D 161 14.54 -9.33 -56.51
C CYS D 161 15.88 -8.80 -56.12
N LEU D 162 16.49 -8.04 -57.02
CA LEU D 162 17.76 -7.40 -56.78
C LEU D 162 17.45 -5.98 -56.30
N VAL D 163 17.58 -5.76 -55.00
CA VAL D 163 17.32 -4.46 -54.37
C VAL D 163 18.67 -3.73 -54.42
N LYS D 164 18.96 -3.08 -55.56
CA LYS D 164 20.26 -2.48 -55.82
C LYS D 164 20.36 -1.00 -55.51
N ASP D 165 21.59 -0.55 -55.22
CA ASP D 165 22.05 0.81 -55.02
C ASP D 165 21.14 1.69 -54.14
N TYR D 166 21.13 1.40 -52.83
CA TYR D 166 20.39 2.17 -51.82
C TYR D 166 21.33 2.63 -50.70
N PHE D 167 20.87 3.63 -49.91
CA PHE D 167 21.60 4.16 -48.76
C PHE D 167 20.65 4.99 -47.89
N PRO D 168 20.62 4.77 -46.57
CA PRO D 168 21.44 3.84 -45.81
C PRO D 168 20.76 2.49 -45.58
N GLU D 169 21.43 1.59 -44.84
CA GLU D 169 20.85 0.33 -44.45
C GLU D 169 19.88 0.68 -43.30
N PRO D 170 18.68 0.06 -43.16
CA PRO D 170 18.19 -1.13 -43.82
C PRO D 170 16.95 -0.99 -44.72
N VAL D 171 16.65 -2.09 -45.45
CA VAL D 171 15.45 -2.28 -46.26
C VAL D 171 14.82 -3.60 -45.81
N THR D 172 13.51 -3.72 -46.03
CA THR D 172 12.81 -4.94 -45.64
C THR D 172 12.20 -5.55 -46.85
N VAL D 173 12.41 -6.87 -47.05
CA VAL D 173 11.81 -7.55 -48.18
C VAL D 173 10.88 -8.64 -47.67
N SER D 174 9.70 -8.74 -48.29
CA SER D 174 8.67 -9.73 -48.05
C SER D 174 8.11 -10.17 -49.43
N TRP D 175 7.41 -11.30 -49.46
CA TRP D 175 6.85 -11.79 -50.71
C TRP D 175 5.34 -11.93 -50.57
N ASN D 176 4.60 -11.44 -51.58
CA ASN D 176 3.13 -11.48 -51.65
C ASN D 176 2.48 -10.88 -50.41
N SER D 177 2.93 -9.69 -50.00
CA SER D 177 2.45 -8.97 -48.80
C SER D 177 2.58 -9.77 -47.50
N GLY D 178 3.59 -10.65 -47.44
CA GLY D 178 3.84 -11.49 -46.28
C GLY D 178 3.25 -12.89 -46.38
N ALA D 179 2.37 -13.14 -47.39
CA ALA D 179 1.73 -14.45 -47.58
C ALA D 179 2.66 -15.56 -48.06
N LEU D 180 3.84 -15.19 -48.60
CA LEU D 180 4.82 -16.16 -49.09
C LEU D 180 6.03 -16.17 -48.15
N THR D 181 6.26 -17.28 -47.44
CA THR D 181 7.39 -17.33 -46.49
C THR D 181 8.33 -18.52 -46.66
N SER D 182 7.81 -19.68 -47.10
CA SER D 182 8.67 -20.85 -47.25
C SER D 182 9.68 -20.62 -48.37
N GLY D 183 10.89 -21.16 -48.20
CA GLY D 183 11.93 -21.09 -49.21
C GLY D 183 12.48 -19.73 -49.55
N VAL D 184 12.11 -18.68 -48.77
CA VAL D 184 12.64 -17.34 -49.08
C VAL D 184 13.96 -17.12 -48.33
N HIS D 185 14.90 -16.47 -49.01
CA HIS D 185 16.19 -16.15 -48.45
C HIS D 185 16.50 -14.73 -48.78
N THR D 186 16.41 -13.81 -47.82
CA THR D 186 16.85 -12.44 -48.08
C THR D 186 18.30 -12.41 -47.65
N PHE D 187 19.18 -12.07 -48.57
CA PHE D 187 20.60 -12.10 -48.33
C PHE D 187 21.11 -10.89 -47.61
N PRO D 188 22.15 -11.02 -46.79
CA PRO D 188 22.76 -9.83 -46.17
C PRO D 188 23.28 -8.91 -47.26
N ALA D 189 23.01 -7.61 -47.18
CA ALA D 189 23.49 -6.67 -48.20
C ALA D 189 25.01 -6.53 -48.22
N VAL D 190 25.58 -6.11 -49.36
CA VAL D 190 26.99 -5.80 -49.46
C VAL D 190 27.14 -4.33 -49.83
N LEU D 191 28.18 -3.70 -49.29
CA LEU D 191 28.47 -2.30 -49.57
C LEU D 191 29.37 -2.27 -50.76
N GLN D 192 28.96 -1.57 -51.80
CA GLN D 192 29.72 -1.50 -53.03
C GLN D 192 30.74 -0.35 -53.01
N SER D 193 31.68 -0.38 -53.96
CA SER D 193 32.72 0.65 -54.18
C SER D 193 32.09 2.06 -54.25
N SER D 194 30.88 2.15 -54.80
CA SER D 194 30.10 3.38 -54.96
C SER D 194 29.61 3.98 -53.64
N GLY D 195 29.75 3.24 -52.54
CA GLY D 195 29.25 3.62 -51.23
C GLY D 195 27.80 3.19 -51.02
N LEU D 196 27.19 2.50 -51.99
CA LEU D 196 25.79 2.07 -51.87
C LEU D 196 25.64 0.57 -51.62
N TYR D 197 24.56 0.19 -50.95
CA TYR D 197 24.25 -1.20 -50.60
C TYR D 197 23.42 -1.87 -51.68
N SER D 198 23.53 -3.20 -51.77
CA SER D 198 22.79 -3.96 -52.75
C SER D 198 22.54 -5.38 -52.23
N LEU D 199 21.32 -5.92 -52.38
CA LEU D 199 21.04 -7.29 -51.93
C LEU D 199 20.06 -8.05 -52.84
N SER D 200 19.91 -9.36 -52.58
CA SER D 200 18.98 -10.19 -53.29
C SER D 200 18.04 -10.89 -52.32
N SER D 201 16.80 -11.04 -52.73
CA SER D 201 15.83 -11.79 -51.96
C SER D 201 15.30 -12.80 -52.95
N VAL D 202 15.53 -14.08 -52.72
CA VAL D 202 15.04 -15.12 -53.60
C VAL D 202 14.02 -15.99 -52.89
N VAL D 203 13.19 -16.67 -53.69
CA VAL D 203 12.20 -17.66 -53.28
C VAL D 203 12.29 -18.84 -54.26
N THR D 204 12.26 -20.06 -53.72
CA THR D 204 12.19 -21.25 -54.55
C THR D 204 10.74 -21.69 -54.49
N VAL D 205 10.13 -21.92 -55.66
CA VAL D 205 8.72 -22.28 -55.81
C VAL D 205 8.56 -23.48 -56.74
N PRO D 206 7.41 -24.18 -56.75
CA PRO D 206 7.22 -25.25 -57.74
C PRO D 206 7.04 -24.66 -59.13
N SER D 207 7.57 -25.38 -60.12
CA SER D 207 7.46 -25.07 -61.53
C SER D 207 5.96 -25.00 -61.96
N SER D 208 5.14 -25.88 -61.38
CA SER D 208 3.71 -25.94 -61.67
C SER D 208 2.93 -24.64 -61.34
N SER D 209 3.59 -23.66 -60.73
CA SER D 209 2.92 -22.43 -60.33
C SER D 209 3.41 -21.18 -61.05
N LEU D 210 4.47 -21.28 -61.89
CA LEU D 210 5.03 -20.12 -62.54
C LEU D 210 4.04 -19.37 -63.42
N GLY D 211 3.25 -20.11 -64.19
CA GLY D 211 2.26 -19.50 -65.07
C GLY D 211 0.89 -19.32 -64.47
N THR D 212 0.74 -19.51 -63.14
CA THR D 212 -0.59 -19.40 -62.54
C THR D 212 -0.61 -18.62 -61.21
N GLN D 213 0.55 -18.43 -60.57
CA GLN D 213 0.62 -17.70 -59.32
C GLN D 213 1.45 -16.43 -59.52
N THR D 214 0.97 -15.29 -59.03
CA THR D 214 1.68 -14.02 -59.17
C THR D 214 2.67 -13.90 -58.03
N TYR D 215 3.88 -13.44 -58.37
CA TYR D 215 4.92 -13.27 -57.37
C TYR D 215 5.40 -11.82 -57.32
N ILE D 216 5.13 -11.14 -56.20
CA ILE D 216 5.55 -9.75 -56.00
C ILE D 216 6.52 -9.68 -54.84
N CYS D 217 7.63 -8.90 -54.97
CA CYS D 217 8.49 -8.66 -53.82
C CYS D 217 8.19 -7.26 -53.27
N ASN D 218 8.03 -7.16 -51.95
CA ASN D 218 7.67 -5.92 -51.28
C ASN D 218 8.87 -5.34 -50.59
N VAL D 219 9.50 -4.40 -51.27
CA VAL D 219 10.70 -3.75 -50.79
C VAL D 219 10.29 -2.46 -50.11
N ASN D 220 10.75 -2.25 -48.89
CA ASN D 220 10.41 -1.05 -48.13
C ASN D 220 11.66 -0.49 -47.47
N HIS D 221 12.08 0.68 -47.91
CA HIS D 221 13.25 1.38 -47.41
C HIS D 221 12.77 2.61 -46.69
N LYS D 222 12.40 2.49 -45.40
CA LYS D 222 11.93 3.62 -44.63
C LYS D 222 12.88 4.85 -44.64
N PRO D 223 14.23 4.74 -44.55
CA PRO D 223 15.07 5.95 -44.57
C PRO D 223 14.79 6.97 -45.67
N SER D 224 14.37 6.53 -46.86
CA SER D 224 14.05 7.44 -47.95
C SER D 224 12.54 7.46 -48.31
N ASN D 225 11.67 6.91 -47.42
CA ASN D 225 10.22 6.79 -47.57
C ASN D 225 9.91 6.07 -48.89
N THR D 226 10.63 4.98 -49.17
CA THR D 226 10.45 4.26 -50.41
C THR D 226 9.68 2.95 -50.20
N LYS D 227 8.69 2.69 -51.05
CA LYS D 227 7.86 1.48 -50.99
C LYS D 227 7.73 0.99 -52.41
N VAL D 228 8.47 -0.07 -52.76
CA VAL D 228 8.47 -0.61 -54.12
C VAL D 228 7.87 -2.02 -54.19
N ASP D 229 6.86 -2.21 -55.06
CA ASP D 229 6.22 -3.50 -55.28
C ASP D 229 6.47 -3.95 -56.72
N LYS D 230 7.60 -4.65 -56.96
CA LYS D 230 7.90 -5.13 -58.31
C LYS D 230 7.35 -6.54 -58.55
N LYS D 231 6.62 -6.70 -59.66
CA LYS D 231 6.05 -7.99 -60.07
C LYS D 231 7.13 -8.76 -60.78
N VAL D 232 7.45 -9.98 -60.30
CA VAL D 232 8.47 -10.80 -60.95
C VAL D 232 7.74 -11.71 -61.92
N GLU D 233 8.05 -11.60 -63.22
CA GLU D 233 7.36 -12.41 -64.21
C GLU D 233 8.23 -13.37 -65.00
N PRO D 234 7.78 -14.62 -65.11
CA PRO D 234 8.55 -15.61 -65.89
C PRO D 234 8.83 -15.22 -67.35
N LYS D 235 10.12 -15.21 -67.72
CA LYS D 235 10.64 -14.92 -69.05
C LYS D 235 10.25 -16.03 -70.05
N SER D 236 9.44 -15.70 -71.08
CA SER D 236 8.96 -16.62 -72.11
C SER D 236 10.05 -17.15 -73.08
N CYS D 237 10.89 -16.25 -73.62
CA CYS D 237 12.03 -16.53 -74.52
C CYS D 237 11.69 -17.47 -75.69
N ILE E 7 46.51 -9.00 -22.64
CA ILE E 7 46.27 -7.94 -23.62
C ILE E 7 45.91 -8.48 -25.01
N ARG E 8 46.18 -9.77 -25.28
CA ARG E 8 45.85 -10.36 -26.58
C ARG E 8 45.25 -11.73 -26.38
N MET E 9 43.93 -11.87 -26.59
CA MET E 9 43.24 -13.17 -26.43
C MET E 9 43.10 -13.89 -27.75
N THR E 10 43.41 -15.17 -27.78
CA THR E 10 43.30 -15.95 -29.01
C THR E 10 42.45 -17.17 -28.79
N GLN E 11 41.31 -17.23 -29.46
CA GLN E 11 40.42 -18.38 -29.34
C GLN E 11 40.76 -19.48 -30.34
N SER E 12 40.53 -20.72 -29.94
CA SER E 12 40.79 -21.90 -30.74
C SER E 12 39.74 -22.99 -30.41
N PRO E 13 39.02 -23.49 -31.43
CA PRO E 13 39.08 -23.06 -32.84
C PRO E 13 38.28 -21.77 -33.06
N SER E 14 38.16 -21.29 -34.30
CA SER E 14 37.37 -20.10 -34.59
C SER E 14 35.97 -20.45 -35.10
N THR E 15 35.79 -21.67 -35.63
CA THR E 15 34.57 -22.27 -36.16
C THR E 15 34.61 -23.74 -35.71
N LEU E 16 33.49 -24.25 -35.22
CA LEU E 16 33.40 -25.62 -34.74
C LEU E 16 32.09 -26.23 -35.21
N SER E 17 32.14 -27.44 -35.78
CA SER E 17 30.93 -28.11 -36.25
C SER E 17 30.49 -29.13 -35.21
N ALA E 18 29.27 -29.00 -34.70
CA ALA E 18 28.79 -29.90 -33.66
C ALA E 18 27.31 -30.27 -33.80
N SER E 19 26.90 -31.37 -33.14
CA SER E 19 25.54 -31.86 -33.14
C SER E 19 24.90 -31.63 -31.75
N VAL E 20 23.56 -31.70 -31.68
CA VAL E 20 22.84 -31.58 -30.41
C VAL E 20 23.20 -32.83 -29.57
N GLY E 21 23.50 -32.59 -28.29
CA GLY E 21 23.91 -33.63 -27.36
C GLY E 21 25.41 -33.77 -27.19
N ASP E 22 26.21 -33.07 -28.00
CA ASP E 22 27.65 -33.17 -27.96
C ASP E 22 28.37 -32.40 -26.82
N ARG E 23 29.58 -32.86 -26.44
CA ARG E 23 30.43 -32.18 -25.47
C ARG E 23 31.39 -31.30 -26.29
N VAL E 24 31.33 -29.98 -26.10
CA VAL E 24 32.13 -29.03 -26.86
C VAL E 24 33.01 -28.17 -25.94
N THR E 25 34.29 -27.95 -26.31
CA THR E 25 35.21 -27.19 -25.47
C THR E 25 36.03 -26.15 -26.23
N ILE E 26 35.69 -24.87 -26.08
CA ILE E 26 36.43 -23.77 -26.70
C ILE E 26 37.66 -23.46 -25.86
N THR E 27 38.78 -23.11 -26.48
CA THR E 27 40.00 -22.78 -25.74
C THR E 27 40.32 -21.30 -25.97
N CYS E 28 40.66 -20.59 -24.90
CA CYS E 28 41.04 -19.18 -24.96
C CYS E 28 42.42 -19.06 -24.35
N ARG E 29 43.36 -18.48 -25.09
CA ARG E 29 44.73 -18.31 -24.61
C ARG E 29 45.04 -16.81 -24.50
N ALA E 30 45.82 -16.43 -23.49
CA ALA E 30 46.19 -15.02 -23.30
C ALA E 30 47.66 -14.82 -23.65
N SER E 31 48.07 -13.59 -24.00
CA SER E 31 49.46 -13.32 -24.35
C SER E 31 50.37 -13.24 -23.09
N GLN E 32 49.80 -12.79 -21.98
CA GLN E 32 50.47 -12.71 -20.69
C GLN E 32 49.43 -13.02 -19.61
N SER E 33 49.89 -13.45 -18.43
CA SER E 33 49.00 -13.84 -17.35
C SER E 33 47.93 -12.82 -16.99
N ILE E 34 46.68 -13.28 -16.96
CA ILE E 34 45.55 -12.50 -16.56
C ILE E 34 44.88 -13.08 -15.30
N ASN E 35 45.62 -13.92 -14.53
CA ASN E 35 45.17 -14.57 -13.29
C ASN E 35 43.90 -15.37 -13.58
N THR E 36 42.78 -15.10 -12.90
CA THR E 36 41.50 -15.75 -13.21
C THR E 36 40.48 -14.69 -13.69
N TRP E 37 40.96 -13.57 -14.27
CA TRP E 37 40.10 -12.48 -14.69
C TRP E 37 39.68 -12.60 -16.11
N LEU E 38 38.88 -13.64 -16.37
CA LEU E 38 38.36 -13.92 -17.70
C LEU E 38 36.84 -14.12 -17.69
N ALA E 39 36.15 -13.45 -18.61
CA ALA E 39 34.71 -13.60 -18.74
C ALA E 39 34.36 -14.27 -20.05
N TRP E 40 33.21 -14.96 -20.10
CA TRP E 40 32.78 -15.58 -21.37
C TRP E 40 31.41 -15.02 -21.81
N TYR E 41 31.23 -14.85 -23.11
CA TYR E 41 30.01 -14.26 -23.66
C TYR E 41 29.44 -15.10 -24.76
N GLN E 42 28.12 -15.02 -24.94
CA GLN E 42 27.48 -15.73 -26.05
C GLN E 42 26.80 -14.72 -26.91
N GLN E 43 26.98 -14.80 -28.24
CA GLN E 43 26.32 -13.86 -29.13
C GLN E 43 25.55 -14.51 -30.26
N LYS E 44 24.22 -14.48 -30.17
CA LYS E 44 23.37 -14.98 -31.24
C LYS E 44 23.34 -13.88 -32.33
N PRO E 45 23.37 -14.26 -33.63
CA PRO E 45 23.36 -13.21 -34.69
C PRO E 45 22.25 -12.16 -34.55
N GLY E 46 22.59 -10.91 -34.85
CA GLY E 46 21.59 -9.82 -34.81
C GLY E 46 21.18 -9.46 -33.40
N LYS E 47 21.81 -10.08 -32.41
CA LYS E 47 21.41 -9.84 -31.00
C LYS E 47 22.59 -9.30 -30.19
N ALA E 48 22.36 -9.06 -28.90
CA ALA E 48 23.42 -8.51 -28.04
C ALA E 48 24.15 -9.63 -27.31
N PRO E 49 25.46 -9.53 -26.94
CA PRO E 49 26.10 -10.63 -26.19
C PRO E 49 25.51 -10.78 -24.77
N ASN E 50 25.54 -11.98 -24.20
CA ASN E 50 25.10 -12.19 -22.83
C ASN E 50 26.30 -12.68 -22.02
N LEU E 51 26.39 -12.28 -20.74
CA LEU E 51 27.46 -12.80 -19.90
C LEU E 51 27.12 -14.26 -19.58
N LEU E 52 28.12 -15.16 -19.74
CA LEU E 52 28.00 -16.58 -19.46
C LEU E 52 28.75 -16.95 -18.16
N ILE E 53 30.04 -16.55 -18.04
CA ILE E 53 30.93 -16.90 -16.93
C ILE E 53 31.76 -15.68 -16.47
N SER E 54 32.09 -15.58 -15.13
CA SER E 54 32.81 -14.41 -14.64
C SER E 54 34.27 -14.67 -14.21
N LYS E 55 34.58 -15.17 -13.00
CA LYS E 55 36.00 -15.29 -12.59
C LYS E 55 36.58 -16.58 -13.11
N ALA E 56 36.57 -16.69 -14.45
CA ALA E 56 36.98 -17.82 -15.28
C ALA E 56 36.12 -19.07 -15.06
N SER E 57 35.43 -19.18 -13.93
CA SER E 57 34.62 -20.36 -13.62
C SER E 57 33.28 -20.05 -13.00
N SER E 58 33.03 -18.78 -12.61
CA SER E 58 31.80 -18.44 -11.93
C SER E 58 30.63 -18.35 -12.86
N LEU E 59 29.77 -19.38 -12.86
CA LEU E 59 28.62 -19.38 -13.76
C LEU E 59 27.62 -18.29 -13.40
N GLU E 60 27.34 -17.40 -14.35
CA GLU E 60 26.41 -16.30 -14.18
C GLU E 60 25.00 -16.84 -13.86
N SER E 61 24.30 -16.22 -12.89
CA SER E 61 22.97 -16.67 -12.48
C SER E 61 21.99 -16.84 -13.64
N GLY E 62 21.35 -18.01 -13.69
CA GLY E 62 20.37 -18.34 -14.71
C GLY E 62 20.93 -18.86 -16.03
N VAL E 63 22.26 -19.07 -16.11
CA VAL E 63 22.86 -19.62 -17.32
C VAL E 63 22.84 -21.12 -17.17
N PRO E 64 22.33 -21.88 -18.16
CA PRO E 64 22.30 -23.35 -18.03
C PRO E 64 23.51 -24.00 -17.34
N SER E 65 23.28 -25.00 -16.46
CA SER E 65 24.40 -25.68 -15.79
C SER E 65 25.33 -26.44 -16.80
N ARG E 66 24.84 -26.69 -18.05
CA ARG E 66 25.64 -27.30 -19.13
C ARG E 66 26.89 -26.42 -19.46
N PHE E 67 26.86 -25.12 -19.10
CA PHE E 67 27.98 -24.21 -19.26
C PHE E 67 28.88 -24.24 -18.02
N SER E 68 30.18 -24.50 -18.23
CA SER E 68 31.18 -24.54 -17.18
C SER E 68 32.46 -23.91 -17.70
N GLY E 69 33.23 -23.32 -16.81
CA GLY E 69 34.46 -22.66 -17.17
C GLY E 69 35.61 -23.09 -16.29
N SER E 70 36.82 -22.92 -16.80
CA SER E 70 38.02 -23.30 -16.05
C SER E 70 39.27 -22.63 -16.62
N GLY E 71 40.37 -22.72 -15.88
CA GLY E 71 41.63 -22.15 -16.31
C GLY E 71 42.11 -20.97 -15.51
N SER E 72 43.43 -20.74 -15.56
CA SER E 72 44.08 -19.63 -14.87
C SER E 72 45.39 -19.26 -15.57
N GLY E 73 45.75 -17.99 -15.49
CA GLY E 73 46.98 -17.44 -16.04
C GLY E 73 46.92 -17.14 -17.52
N THR E 74 47.23 -18.15 -18.34
CA THR E 74 47.23 -17.97 -19.78
C THR E 74 46.20 -18.90 -20.43
N GLU E 75 46.02 -20.12 -19.91
CA GLU E 75 45.10 -21.10 -20.53
C GLU E 75 43.73 -21.15 -19.89
N PHE E 76 42.66 -21.04 -20.71
CA PHE E 76 41.26 -21.05 -20.26
C PHE E 76 40.37 -21.86 -21.22
N THR E 77 39.34 -22.57 -20.69
CA THR E 77 38.42 -23.35 -21.53
C THR E 77 36.97 -23.15 -21.16
N LEU E 78 36.10 -22.97 -22.16
CA LEU E 78 34.65 -22.91 -21.96
C LEU E 78 34.12 -24.27 -22.37
N THR E 79 33.22 -24.87 -21.59
CA THR E 79 32.71 -26.21 -21.90
C THR E 79 31.20 -26.26 -21.88
N ILE E 80 30.61 -26.89 -22.90
CA ILE E 80 29.17 -27.12 -22.94
C ILE E 80 29.03 -28.60 -22.94
N SER E 81 28.47 -29.16 -21.88
CA SER E 81 28.33 -30.60 -21.69
C SER E 81 27.36 -31.23 -22.67
N SER E 82 26.17 -30.64 -22.82
CA SER E 82 25.18 -31.18 -23.75
C SER E 82 24.68 -30.08 -24.66
N LEU E 83 25.29 -29.91 -25.83
CA LEU E 83 24.92 -28.90 -26.83
C LEU E 83 23.43 -28.93 -27.14
N GLN E 84 22.69 -27.90 -26.76
CA GLN E 84 21.25 -27.82 -27.01
C GLN E 84 20.93 -26.92 -28.21
N PRO E 85 19.72 -26.99 -28.81
CA PRO E 85 19.45 -26.16 -30.00
C PRO E 85 19.75 -24.66 -29.89
N ASP E 86 19.74 -24.11 -28.67
CA ASP E 86 20.04 -22.70 -28.47
C ASP E 86 21.51 -22.38 -28.37
N ASP E 87 22.35 -23.36 -28.04
CA ASP E 87 23.78 -23.12 -27.87
C ASP E 87 24.55 -22.87 -29.17
N PHE E 88 23.88 -22.95 -30.32
CA PHE E 88 24.56 -22.70 -31.59
C PHE E 88 24.65 -21.21 -31.82
N ALA E 89 25.83 -20.64 -31.55
CA ALA E 89 26.10 -19.21 -31.67
C ALA E 89 27.65 -18.96 -31.59
N THR E 90 28.12 -17.70 -31.74
CA THR E 90 29.53 -17.42 -31.62
C THR E 90 29.83 -17.00 -30.14
N TYR E 91 30.97 -17.45 -29.62
CA TYR E 91 31.35 -17.20 -28.23
C TYR E 91 32.60 -16.34 -28.12
N PHE E 92 32.59 -15.42 -27.15
CA PHE E 92 33.73 -14.53 -26.93
C PHE E 92 34.33 -14.68 -25.53
N CYS E 93 35.64 -14.75 -25.42
CA CYS E 93 36.34 -14.74 -24.14
C CYS E 93 36.88 -13.31 -23.98
N GLN E 94 36.98 -12.82 -22.72
CA GLN E 94 37.43 -11.46 -22.50
C GLN E 94 38.20 -11.30 -21.21
N GLN E 95 39.39 -10.72 -21.35
CA GLN E 95 40.27 -10.45 -20.23
C GLN E 95 39.85 -9.15 -19.58
N TYR E 96 39.87 -9.12 -18.23
CA TYR E 96 39.65 -7.92 -17.44
C TYR E 96 40.69 -7.86 -16.29
N ASN E 97 41.91 -8.36 -16.56
CA ASN E 97 43.03 -8.30 -15.62
C ASN E 97 43.54 -6.86 -15.65
N SER E 98 43.71 -6.29 -16.83
CA SER E 98 44.08 -4.89 -16.98
C SER E 98 42.77 -4.08 -17.06
N TYR E 99 42.86 -2.76 -16.79
CA TYR E 99 41.69 -1.89 -16.93
C TYR E 99 41.26 -1.72 -18.39
N LEU E 100 42.11 -2.14 -19.36
CA LEU E 100 41.82 -2.07 -20.78
C LEU E 100 41.40 -3.45 -21.18
N TYR E 101 40.12 -3.62 -21.47
CA TYR E 101 39.60 -4.91 -21.85
C TYR E 101 40.02 -5.33 -23.24
N THR E 102 40.10 -6.65 -23.45
CA THR E 102 40.49 -7.27 -24.71
C THR E 102 39.60 -8.47 -24.90
N PHE E 103 39.00 -8.57 -26.08
CA PHE E 103 38.15 -9.68 -26.41
C PHE E 103 38.88 -10.64 -27.35
N GLY E 104 38.40 -11.88 -27.38
CA GLY E 104 38.87 -12.87 -28.33
C GLY E 104 38.19 -12.68 -29.67
N GLN E 105 38.68 -13.38 -30.68
CA GLN E 105 38.16 -13.24 -32.04
C GLN E 105 36.77 -13.87 -32.26
N GLY E 106 36.32 -14.69 -31.33
CA GLY E 106 35.02 -15.34 -31.43
C GLY E 106 35.13 -16.77 -31.88
N THR E 107 34.21 -17.63 -31.46
CA THR E 107 34.21 -19.04 -31.87
C THR E 107 32.80 -19.44 -32.28
N LYS E 108 32.57 -19.60 -33.56
CA LYS E 108 31.27 -19.95 -34.10
C LYS E 108 30.99 -21.44 -33.88
N VAL E 109 29.83 -21.77 -33.30
CA VAL E 109 29.40 -23.16 -33.11
C VAL E 109 28.19 -23.39 -34.07
N GLU E 110 28.41 -24.05 -35.20
CA GLU E 110 27.33 -24.27 -36.18
C GLU E 110 26.83 -25.73 -36.14
N ILE E 111 25.61 -25.95 -36.65
CA ILE E 111 24.97 -27.25 -36.66
C ILE E 111 25.51 -28.20 -37.72
N ARG E 112 25.90 -29.40 -37.31
CA ARG E 112 26.39 -30.40 -38.26
C ARG E 112 25.20 -31.22 -38.74
N ARG E 113 25.21 -31.55 -40.05
CA ARG E 113 24.18 -32.33 -40.73
C ARG E 113 24.76 -33.02 -41.98
N THR E 114 23.96 -33.86 -42.68
CA THR E 114 24.40 -34.53 -43.88
C THR E 114 24.76 -33.54 -44.99
N VAL E 115 25.67 -33.96 -45.87
CA VAL E 115 26.08 -33.13 -46.99
C VAL E 115 24.91 -32.89 -47.94
N ALA E 116 24.61 -31.64 -48.22
CA ALA E 116 23.55 -31.28 -49.14
C ALA E 116 24.20 -30.54 -50.28
N ALA E 117 24.02 -30.99 -51.51
CA ALA E 117 24.58 -30.28 -52.65
C ALA E 117 23.69 -29.04 -52.88
N PRO E 118 24.28 -27.87 -53.18
CA PRO E 118 23.45 -26.70 -53.50
C PRO E 118 22.67 -26.92 -54.77
N SER E 119 21.55 -26.22 -54.89
CA SER E 119 20.75 -26.14 -56.10
C SER E 119 21.29 -24.85 -56.76
N VAL E 120 21.76 -24.91 -58.02
CA VAL E 120 22.32 -23.72 -58.67
C VAL E 120 21.36 -23.09 -59.70
N PHE E 121 21.28 -21.74 -59.70
CA PHE E 121 20.43 -20.98 -60.62
C PHE E 121 21.19 -19.75 -61.10
N ILE E 122 21.20 -19.48 -62.41
CA ILE E 122 21.82 -18.26 -62.93
C ILE E 122 20.73 -17.28 -63.39
N PHE E 123 20.87 -15.97 -63.08
CA PHE E 123 19.88 -14.98 -63.50
C PHE E 123 20.50 -13.92 -64.36
N PRO E 124 20.03 -13.71 -65.60
CA PRO E 124 20.56 -12.62 -66.42
C PRO E 124 20.04 -11.26 -65.92
N PRO E 125 20.71 -10.18 -66.31
CA PRO E 125 20.25 -8.86 -65.89
C PRO E 125 18.88 -8.52 -66.44
N SER E 126 18.07 -7.79 -65.64
CA SER E 126 16.76 -7.37 -66.10
C SER E 126 16.91 -6.38 -67.29
N ASP E 127 15.85 -6.23 -68.08
CA ASP E 127 15.88 -5.29 -69.20
C ASP E 127 15.94 -3.85 -68.69
N GLU E 128 15.31 -3.57 -67.52
CA GLU E 128 15.30 -2.24 -66.92
C GLU E 128 16.67 -1.86 -66.41
N GLN E 129 17.38 -2.82 -65.82
CA GLN E 129 18.73 -2.57 -65.32
C GLN E 129 19.70 -2.30 -66.47
N LEU E 130 19.49 -2.94 -67.63
CA LEU E 130 20.30 -2.77 -68.84
C LEU E 130 20.11 -1.35 -69.37
N LYS E 131 18.87 -0.82 -69.34
CA LYS E 131 18.57 0.56 -69.75
C LYS E 131 19.34 1.56 -68.88
N SER E 132 19.53 1.22 -67.57
CA SER E 132 20.27 2.05 -66.59
C SER E 132 21.76 2.23 -66.94
N GLY E 133 22.30 1.32 -67.73
CA GLY E 133 23.69 1.38 -68.12
C GLY E 133 24.56 0.31 -67.48
N THR E 134 23.99 -0.53 -66.59
CA THR E 134 24.75 -1.60 -65.95
C THR E 134 24.00 -2.94 -66.04
N ALA E 135 24.76 -4.06 -65.93
CA ALA E 135 24.22 -5.41 -65.98
C ALA E 135 24.75 -6.27 -64.81
N SER E 136 23.84 -6.77 -63.96
CA SER E 136 24.21 -7.63 -62.84
C SER E 136 23.61 -9.01 -63.03
N VAL E 137 24.48 -10.04 -63.04
CA VAL E 137 24.10 -11.43 -63.21
C VAL E 137 24.22 -12.08 -61.84
N VAL E 138 23.17 -12.75 -61.32
CA VAL E 138 23.27 -13.33 -59.97
C VAL E 138 23.21 -14.85 -60.07
N CYS E 139 24.12 -15.50 -59.37
CA CYS E 139 24.23 -16.95 -59.30
C CYS E 139 23.74 -17.33 -57.90
N LEU E 140 22.67 -18.14 -57.79
CA LEU E 140 22.11 -18.53 -56.51
C LEU E 140 22.47 -19.98 -56.17
N LEU E 141 23.00 -20.22 -54.96
CA LEU E 141 23.30 -21.56 -54.46
C LEU E 141 22.27 -21.74 -53.33
N ASN E 142 21.29 -22.59 -53.54
CA ASN E 142 20.21 -22.79 -52.61
C ASN E 142 20.35 -24.03 -51.76
N ASN E 143 20.29 -23.83 -50.43
CA ASN E 143 20.27 -24.85 -49.37
C ASN E 143 21.32 -25.95 -49.51
N PHE E 144 22.57 -25.61 -49.19
CA PHE E 144 23.68 -26.53 -49.25
C PHE E 144 24.36 -26.70 -47.90
N TYR E 145 25.08 -27.83 -47.77
CA TYR E 145 25.82 -28.12 -46.55
C TYR E 145 27.06 -28.99 -46.86
N PRO E 146 28.27 -28.64 -46.39
CA PRO E 146 28.65 -27.50 -45.53
C PRO E 146 28.68 -26.14 -46.22
N ARG E 147 29.00 -25.08 -45.45
CA ARG E 147 29.07 -23.67 -45.87
C ARG E 147 30.13 -23.39 -46.92
N GLU E 148 31.18 -24.21 -46.96
CA GLU E 148 32.29 -23.98 -47.88
C GLU E 148 31.91 -24.27 -49.32
N ALA E 149 31.96 -23.23 -50.17
CA ALA E 149 31.62 -23.34 -51.57
C ALA E 149 32.39 -22.31 -52.40
N LYS E 150 32.84 -22.72 -53.60
CA LYS E 150 33.58 -21.86 -54.51
C LYS E 150 32.74 -21.53 -55.74
N VAL E 151 32.46 -20.24 -56.01
CA VAL E 151 31.72 -19.85 -57.19
C VAL E 151 32.67 -19.07 -58.11
N GLN E 152 32.82 -19.51 -59.36
CA GLN E 152 33.69 -18.83 -60.32
C GLN E 152 32.88 -18.32 -61.50
N TRP E 153 33.12 -17.09 -61.95
CA TRP E 153 32.40 -16.53 -63.06
C TRP E 153 33.25 -16.63 -64.30
N LYS E 154 32.67 -17.15 -65.39
CA LYS E 154 33.32 -17.30 -66.68
C LYS E 154 32.47 -16.61 -67.78
N VAL E 155 33.05 -15.61 -68.48
CA VAL E 155 32.39 -14.92 -69.57
C VAL E 155 33.17 -15.28 -70.81
N ASP E 156 32.56 -16.12 -71.67
CA ASP E 156 33.21 -16.67 -72.88
C ASP E 156 34.45 -17.47 -72.45
N ASN E 157 34.25 -18.34 -71.45
CA ASN E 157 35.22 -19.21 -70.80
C ASN E 157 36.37 -18.45 -70.08
N ALA E 158 36.34 -17.11 -70.06
CA ALA E 158 37.36 -16.30 -69.39
C ALA E 158 37.00 -16.12 -67.92
N LEU E 159 37.87 -16.62 -67.04
CA LEU E 159 37.68 -16.50 -65.61
C LEU E 159 37.72 -15.01 -65.22
N GLN E 160 36.76 -14.56 -64.40
CA GLN E 160 36.65 -13.18 -63.96
C GLN E 160 37.12 -13.04 -62.50
N SER E 161 37.73 -11.90 -62.18
CA SER E 161 38.21 -11.58 -60.84
C SER E 161 37.98 -10.10 -60.55
N GLY E 162 37.59 -9.79 -59.33
CA GLY E 162 37.39 -8.41 -58.91
C GLY E 162 36.07 -7.77 -59.27
N ASN E 163 35.25 -8.45 -60.09
CA ASN E 163 33.97 -7.89 -60.52
C ASN E 163 32.74 -8.60 -59.92
N SER E 164 32.92 -9.39 -58.86
CA SER E 164 31.80 -10.10 -58.24
C SER E 164 31.73 -9.94 -56.70
N GLN E 165 30.52 -10.07 -56.11
CA GLN E 165 30.32 -9.95 -54.68
C GLN E 165 29.46 -11.11 -54.13
N GLU E 166 29.91 -11.75 -53.05
CA GLU E 166 29.17 -12.86 -52.45
C GLU E 166 28.45 -12.47 -51.14
N SER E 167 27.39 -13.19 -50.82
CA SER E 167 26.64 -12.97 -49.60
C SER E 167 26.14 -14.34 -49.14
N VAL E 168 26.33 -14.67 -47.86
CA VAL E 168 25.88 -15.96 -47.34
C VAL E 168 24.83 -15.71 -46.25
N THR E 169 23.77 -16.54 -46.21
CA THR E 169 22.78 -16.40 -45.16
C THR E 169 23.25 -17.09 -43.87
N GLU E 170 22.54 -16.81 -42.79
CA GLU E 170 22.74 -17.46 -41.52
C GLU E 170 22.25 -18.92 -41.70
N GLN E 171 22.86 -19.88 -40.99
CA GLN E 171 22.45 -21.28 -41.05
C GLN E 171 20.95 -21.43 -40.78
N ASP E 172 20.27 -22.26 -41.55
CA ASP E 172 18.85 -22.35 -41.47
C ASP E 172 18.31 -22.98 -40.23
N SER E 173 17.28 -22.35 -39.66
CA SER E 173 16.65 -22.86 -38.44
C SER E 173 15.85 -24.16 -38.67
N LYS E 174 15.44 -24.46 -39.92
CA LYS E 174 14.65 -25.67 -40.17
C LYS E 174 15.47 -26.78 -40.87
N ASP E 175 16.33 -26.43 -41.83
CA ASP E 175 17.11 -27.46 -42.53
C ASP E 175 18.62 -27.38 -42.30
N SER E 176 19.09 -26.47 -41.43
CA SER E 176 20.51 -26.30 -41.11
C SER E 176 21.44 -26.11 -42.32
N THR E 177 20.93 -25.55 -43.43
CA THR E 177 21.76 -25.33 -44.61
C THR E 177 22.15 -23.83 -44.74
N TYR E 178 23.00 -23.52 -45.72
CA TYR E 178 23.39 -22.18 -46.07
C TYR E 178 22.90 -21.88 -47.51
N SER E 179 22.80 -20.60 -47.87
CA SER E 179 22.46 -20.16 -49.21
C SER E 179 23.40 -19.03 -49.57
N LEU E 180 23.77 -18.95 -50.84
CA LEU E 180 24.75 -17.96 -51.30
C LEU E 180 24.29 -17.24 -52.57
N SER E 181 24.54 -15.93 -52.62
CA SER E 181 24.24 -15.16 -53.80
C SER E 181 25.51 -14.48 -54.27
N SER E 182 25.95 -14.78 -55.48
CA SER E 182 27.12 -14.13 -56.06
C SER E 182 26.67 -13.22 -57.19
N THR E 183 27.03 -11.94 -57.12
CA THR E 183 26.58 -10.98 -58.13
C THR E 183 27.73 -10.48 -58.96
N LEU E 184 27.71 -10.78 -60.25
CA LEU E 184 28.71 -10.32 -61.19
C LEU E 184 28.19 -9.03 -61.80
N THR E 185 28.95 -7.94 -61.69
CA THR E 185 28.49 -6.66 -62.24
C THR E 185 29.36 -6.23 -63.39
N LEU E 186 28.74 -5.79 -64.47
CA LEU E 186 29.41 -5.31 -65.67
C LEU E 186 28.69 -4.06 -66.18
N SER E 187 29.40 -3.14 -66.83
CA SER E 187 28.75 -1.98 -67.45
C SER E 187 27.99 -2.51 -68.69
N LYS E 188 27.00 -1.76 -69.20
CA LYS E 188 26.22 -2.16 -70.38
C LYS E 188 27.14 -2.41 -71.58
N ALA E 189 28.15 -1.54 -71.73
CA ALA E 189 29.16 -1.68 -72.79
C ALA E 189 29.92 -3.02 -72.69
N ASP E 190 30.42 -3.40 -71.49
CA ASP E 190 31.16 -4.64 -71.28
C ASP E 190 30.29 -5.87 -71.43
N TYR E 191 29.06 -5.80 -70.93
CA TYR E 191 28.13 -6.91 -71.01
C TYR E 191 27.76 -7.21 -72.44
N GLU E 192 27.49 -6.16 -73.23
CA GLU E 192 27.10 -6.36 -74.63
C GLU E 192 28.29 -6.70 -75.57
N LYS E 193 29.48 -6.91 -75.02
CA LYS E 193 30.66 -7.30 -75.79
C LYS E 193 30.88 -8.84 -75.78
N HIS E 194 30.06 -9.62 -75.01
CA HIS E 194 30.27 -11.07 -74.83
C HIS E 194 28.97 -11.87 -74.89
N LYS E 195 29.06 -13.17 -75.19
CA LYS E 195 27.85 -14.00 -75.32
C LYS E 195 27.53 -14.88 -74.10
N VAL E 196 28.45 -15.79 -73.73
CA VAL E 196 28.27 -16.80 -72.68
C VAL E 196 28.60 -16.28 -71.30
N TYR E 197 27.66 -16.38 -70.39
CA TYR E 197 27.85 -16.01 -69.01
C TYR E 197 27.59 -17.26 -68.19
N ALA E 198 28.51 -17.62 -67.30
CA ALA E 198 28.36 -18.85 -66.51
C ALA E 198 29.00 -18.78 -65.11
N CYS E 199 28.42 -19.49 -64.13
CA CYS E 199 29.06 -19.62 -62.82
C CYS E 199 29.33 -21.10 -62.53
N GLU E 200 30.59 -21.42 -62.24
CA GLU E 200 31.00 -22.78 -61.92
C GLU E 200 31.01 -22.90 -60.42
N VAL E 201 30.28 -23.88 -59.91
CA VAL E 201 30.12 -24.10 -58.48
C VAL E 201 30.86 -25.34 -58.02
N THR E 202 31.71 -25.22 -56.98
CA THR E 202 32.41 -26.37 -56.43
C THR E 202 32.04 -26.55 -54.95
N HIS E 203 31.54 -27.75 -54.62
CA HIS E 203 31.06 -28.09 -53.29
C HIS E 203 31.13 -29.60 -53.09
N GLN E 204 31.39 -30.03 -51.85
CA GLN E 204 31.53 -31.42 -51.46
C GLN E 204 30.35 -32.32 -51.85
N GLY E 205 29.16 -31.75 -51.90
CA GLY E 205 27.97 -32.49 -52.30
C GLY E 205 27.87 -32.82 -53.79
N LEU E 206 28.66 -32.12 -54.61
CA LEU E 206 28.72 -32.26 -56.06
C LEU E 206 29.97 -33.09 -56.40
N SER E 207 29.80 -34.18 -57.16
CA SER E 207 30.95 -35.03 -57.55
C SER E 207 31.90 -34.30 -58.52
N SER E 208 31.36 -33.38 -59.32
CA SER E 208 32.11 -32.54 -60.25
C SER E 208 31.45 -31.17 -60.37
N PRO E 209 32.24 -30.11 -60.62
CA PRO E 209 31.65 -28.75 -60.69
C PRO E 209 30.42 -28.60 -61.59
N VAL E 210 29.36 -28.02 -61.03
CA VAL E 210 28.12 -27.78 -61.75
C VAL E 210 28.19 -26.38 -62.38
N THR E 211 27.89 -26.29 -63.68
CA THR E 211 27.90 -25.01 -64.38
C THR E 211 26.49 -24.57 -64.81
N LYS E 212 26.11 -23.31 -64.51
CA LYS E 212 24.83 -22.78 -65.01
C LYS E 212 25.19 -21.63 -65.92
N SER E 213 24.74 -21.71 -67.17
CA SER E 213 25.09 -20.70 -68.15
C SER E 213 23.92 -20.19 -68.98
N PHE E 214 24.16 -19.07 -69.67
CA PHE E 214 23.22 -18.49 -70.62
C PHE E 214 23.99 -17.66 -71.66
N ASN E 215 23.38 -17.49 -72.82
CA ASN E 215 23.90 -16.67 -73.91
C ASN E 215 23.00 -15.44 -73.91
N ARG E 216 23.56 -14.20 -73.81
CA ARG E 216 22.67 -13.02 -73.79
C ARG E 216 21.91 -12.84 -75.11
N GLY E 217 20.64 -12.45 -75.02
CA GLY E 217 19.77 -12.27 -76.18
C GLY E 217 18.89 -13.47 -76.47
#